data_1TTD
# 
_entry.id   1TTD 
# 
_audit_conform.dict_name       mmcif_pdbx.dic 
_audit_conform.dict_version    5.383 
_audit_conform.dict_location   http://mmcif.pdb.org/dictionaries/ascii/mmcif_pdbx.dic 
# 
loop_
_database_2.database_id 
_database_2.database_code 
_database_2.pdbx_database_accession 
_database_2.pdbx_DOI 
PDB   1TTD         pdb_00001ttd 10.2210/pdb1ttd/pdb 
RCSB  RCSB000386   ?            ?                   
WWPDB D_1000000386 ?            ?                   
# 
loop_
_pdbx_audit_revision_history.ordinal 
_pdbx_audit_revision_history.data_content_type 
_pdbx_audit_revision_history.major_revision 
_pdbx_audit_revision_history.minor_revision 
_pdbx_audit_revision_history.revision_date 
1 'Structure model' 1 0 1999-02-02 
2 'Structure model' 1 1 2008-04-26 
3 'Structure model' 1 2 2011-07-13 
4 'Structure model' 1 3 2013-08-28 
5 'Structure model' 1 4 2023-12-27 
# 
_pdbx_audit_revision_details.ordinal             1 
_pdbx_audit_revision_details.revision_ordinal    1 
_pdbx_audit_revision_details.data_content_type   'Structure model' 
_pdbx_audit_revision_details.provider            repository 
_pdbx_audit_revision_details.type                'Initial release' 
_pdbx_audit_revision_details.description         ? 
_pdbx_audit_revision_details.details             ? 
# 
loop_
_pdbx_audit_revision_group.ordinal 
_pdbx_audit_revision_group.revision_ordinal 
_pdbx_audit_revision_group.data_content_type 
_pdbx_audit_revision_group.group 
1 2 'Structure model' 'Version format compliance' 
2 3 'Structure model' 'Version format compliance' 
3 4 'Structure model' Other                       
4 5 'Structure model' 'Data collection'           
5 5 'Structure model' 'Database references'       
6 5 'Structure model' 'Derived calculations'      
7 5 'Structure model' 'Structure summary'         
# 
loop_
_pdbx_audit_revision_category.ordinal 
_pdbx_audit_revision_category.revision_ordinal 
_pdbx_audit_revision_category.data_content_type 
_pdbx_audit_revision_category.category 
1 5 'Structure model' chem_comp         
2 5 'Structure model' chem_comp_atom    
3 5 'Structure model' chem_comp_bond    
4 5 'Structure model' database_2        
5 5 'Structure model' pdbx_nmr_software 
6 5 'Structure model' struct_conn       
# 
loop_
_pdbx_audit_revision_item.ordinal 
_pdbx_audit_revision_item.revision_ordinal 
_pdbx_audit_revision_item.data_content_type 
_pdbx_audit_revision_item.item 
1 5 'Structure model' '_chem_comp.pdbx_synonyms'            
2 5 'Structure model' '_database_2.pdbx_DOI'                
3 5 'Structure model' '_database_2.pdbx_database_accession' 
4 5 'Structure model' '_pdbx_nmr_software.name'             
5 5 'Structure model' '_struct_conn.pdbx_leaving_atom_flag' 
# 
_pdbx_database_status.status_code                     REL 
_pdbx_database_status.entry_id                        1TTD 
_pdbx_database_status.recvd_initial_deposition_date   1999-01-20 
_pdbx_database_status.deposit_site                    BNL 
_pdbx_database_status.process_site                    RCSB 
_pdbx_database_status.status_code_mr                  REL 
_pdbx_database_status.status_code_sf                  ? 
_pdbx_database_status.SG_entry                        ? 
_pdbx_database_status.status_code_cs                  ? 
_pdbx_database_status.methods_development_category    ? 
_pdbx_database_status.pdb_format_compatible           Y 
_pdbx_database_status.status_code_nmr_data            ? 
# 
loop_
_audit_author.name 
_audit_author.pdbx_ordinal 
'Mcateer, K.'   1 
'Jing, Y.'      2 
'Kao, J.'       3 
'Taylor, J.-S.' 4 
'Kennedy, M.A.' 5 
# 
_citation.id                        primary 
_citation.title                     
;Solution-state structure of a DNA dodecamer duplex containing a Cis-syn thymine cyclobutane dimer, the major UV photoproduct of DNA.
;
_citation.journal_abbrev            J.Mol.Biol. 
_citation.journal_volume            282 
_citation.page_first                1013 
_citation.page_last                 1032 
_citation.year                      1998 
_citation.journal_id_ASTM           JMOBAK 
_citation.country                   UK 
_citation.journal_id_ISSN           0022-2836 
_citation.journal_id_CSD            0070 
_citation.book_publisher            ? 
_citation.pdbx_database_id_PubMed   9753551 
_citation.pdbx_database_id_DOI      10.1006/jmbi.1998.2062 
# 
loop_
_citation_author.citation_id 
_citation_author.name 
_citation_author.ordinal 
_citation_author.identifier_ORCID 
primary 'McAteer, K.'   1 ? 
primary 'Jing, Y.'      2 ? 
primary 'Kao, J.'       3 ? 
primary 'Taylor, J.S.'  4 ? 
primary 'Kennedy, M.A.' 5 ? 
# 
loop_
_entity.id 
_entity.type 
_entity.src_method 
_entity.pdbx_description 
_entity.formula_weight 
_entity.pdbx_number_of_molecules 
_entity.pdbx_ec 
_entity.pdbx_mutation 
_entity.pdbx_fragment 
_entity.details 
1 polymer syn 
;DNA (5'-D(*GP*CP*AP*CP*GP*AP*AP*(TTD)P*AP*AP*G)-3')
;
3695.444 1 ? ? ? ? 
2 polymer syn 
;DNA (5'-D(*CP*TP*TP*AP*AP*TP*TP*CP*GP*TP*GP*C)-3')
;
3628.377 1 ? ? ? ? 
# 
loop_
_entity_poly.entity_id 
_entity_poly.type 
_entity_poly.nstd_linkage 
_entity_poly.nstd_monomer 
_entity_poly.pdbx_seq_one_letter_code 
_entity_poly.pdbx_seq_one_letter_code_can 
_entity_poly.pdbx_strand_id 
_entity_poly.pdbx_target_identifier 
1 polydeoxyribonucleotide no yes '(DG)(DC)(DA)(DC)(DG)(DA)(DA)(TTD)(DA)(DA)(DG)'    GCACGAATAAG  A ? 
2 polydeoxyribonucleotide no no  '(DC)(DT)(DT)(DA)(DA)(DT)(DT)(DC)(DG)(DT)(DG)(DC)' CTTAATTCGTGC B ? 
# 
loop_
_entity_poly_seq.entity_id 
_entity_poly_seq.num 
_entity_poly_seq.mon_id 
_entity_poly_seq.hetero 
1 1  DG  n 
1 2  DC  n 
1 3  DA  n 
1 4  DC  n 
1 5  DG  n 
1 6  DA  n 
1 7  DA  n 
1 8  TTD n 
1 9  DA  n 
1 10 DA  n 
1 11 DG  n 
2 1  DC  n 
2 2  DT  n 
2 3  DT  n 
2 4  DA  n 
2 5  DA  n 
2 6  DT  n 
2 7  DT  n 
2 8  DC  n 
2 9  DG  n 
2 10 DT  n 
2 11 DG  n 
2 12 DC  n 
# 
loop_
_chem_comp.id 
_chem_comp.type 
_chem_comp.mon_nstd_flag 
_chem_comp.name 
_chem_comp.pdbx_synonyms 
_chem_comp.formula 
_chem_comp.formula_weight 
DA  'DNA linking' y "2'-DEOXYADENOSINE-5'-MONOPHOSPHATE" ? 'C10 H14 N5 O6 P'   331.222 
DC  'DNA linking' y "2'-DEOXYCYTIDINE-5'-MONOPHOSPHATE"  ? 'C9 H14 N3 O7 P'    307.197 
DG  'DNA linking' y "2'-DEOXYGUANOSINE-5'-MONOPHOSPHATE" ? 'C10 H14 N5 O7 P'   347.221 
DT  'DNA linking' y "THYMIDINE-5'-MONOPHOSPHATE"         ? 'C10 H15 N2 O8 P'   322.208 
TTD 'DNA linking' n 'CIS-SYN CYCLOBUTANE THYMINE DIMER'  
;[(3S,4S,9S,10R,12R,15AR,18BS,18CS)-3,7-DIHYDROXY-15A,15B-DIMETHYL-7-OXIDO-13,15,16,18-TETRAOXOHEXADECAHYDRO-1H-1,4-EPOX Y-9,12-METHANO-6,8,11-TRIOXA-12A,14,17,18A-TETRAAZA-7-PHOSPHACYCLOHEXADECA[1,2,3,4-DEF]BIPHENYLEN-10-YL]METHYL DIHYDROGEN PHOSPHATE
;
'C20 H28 N4 O15 P2' 626.402 
# 
loop_
_pdbx_poly_seq_scheme.asym_id 
_pdbx_poly_seq_scheme.entity_id 
_pdbx_poly_seq_scheme.seq_id 
_pdbx_poly_seq_scheme.mon_id 
_pdbx_poly_seq_scheme.ndb_seq_num 
_pdbx_poly_seq_scheme.pdb_seq_num 
_pdbx_poly_seq_scheme.auth_seq_num 
_pdbx_poly_seq_scheme.pdb_mon_id 
_pdbx_poly_seq_scheme.auth_mon_id 
_pdbx_poly_seq_scheme.pdb_strand_id 
_pdbx_poly_seq_scheme.pdb_ins_code 
_pdbx_poly_seq_scheme.hetero 
A 1 1  DG  1  1  1  DG  G A . n 
A 1 2  DC  2  2  2  DC  C A . n 
A 1 3  DA  3  3  3  DA  A A . n 
A 1 4  DC  4  4  4  DC  C A . n 
A 1 5  DG  5  5  5  DG  G A . n 
A 1 6  DA  6  6  6  DA  A A . n 
A 1 7  DA  7  7  7  DA  A A . n 
A 1 8  TTD 8  9  8  TTD T A . n 
A 1 9  DA  9  10 10 DA  A A . n 
A 1 10 DA  10 11 11 DA  A A . n 
A 1 11 DG  11 12 12 DG  G A . n 
B 2 1  DC  1  1  1  DC  C B . n 
B 2 2  DT  2  2  2  DT  T B . n 
B 2 3  DT  3  3  3  DT  T B . n 
B 2 4  DA  4  4  4  DA  A B . n 
B 2 5  DA  5  5  5  DA  A B . n 
B 2 6  DT  6  6  6  DT  T B . n 
B 2 7  DT  7  7  7  DT  T B . n 
B 2 8  DC  8  8  8  DC  C B . n 
B 2 9  DG  9  9  9  DG  G B . n 
B 2 10 DT  10 10 10 DT  T B . n 
B 2 11 DG  11 11 11 DG  G B . n 
B 2 12 DC  12 12 12 DC  C B . n 
# 
_cell.entry_id           1TTD 
_cell.length_a           1.000 
_cell.length_b           1.000 
_cell.length_c           1.000 
_cell.angle_alpha        90.00 
_cell.angle_beta         90.00 
_cell.angle_gamma        90.00 
_cell.Z_PDB              1 
_cell.pdbx_unique_axis   ? 
# 
_symmetry.entry_id                         1TTD 
_symmetry.space_group_name_H-M             'P 1' 
_symmetry.pdbx_full_space_group_name_H-M   ? 
_symmetry.cell_setting                     ? 
_symmetry.Int_Tables_number                1 
# 
_exptl.entry_id          1TTD 
_exptl.method            'SOLUTION NMR' 
_exptl.crystals_number   ? 
# 
_struct.entry_id                  1TTD 
_struct.title                     
'SOLUTION-STATE STRUCTURE OF A DNA DODECAMER DUPLEX CONTAINING A CIS-SYN THYMINE CYCLOBUTANE DIMER' 
_struct.pdbx_model_details        ? 
_struct.pdbx_CASP_flag            ? 
_struct.pdbx_model_type_details   ? 
# 
_struct_keywords.entry_id        1TTD 
_struct_keywords.pdbx_keywords   DNA 
_struct_keywords.text            'DNA STRUCTURE, UV-PHOTOPRODUCTS, BII BACKBONE, DNA' 
# 
loop_
_struct_asym.id 
_struct_asym.pdbx_blank_PDB_chainid_flag 
_struct_asym.pdbx_modified 
_struct_asym.entity_id 
_struct_asym.details 
A N N 1 ? 
B N N 2 ? 
# 
loop_
_struct_ref.id 
_struct_ref.entity_id 
_struct_ref.db_name 
_struct_ref.db_code 
_struct_ref.pdbx_db_accession 
_struct_ref.pdbx_align_begin 
_struct_ref.pdbx_seq_one_letter_code 
_struct_ref.pdbx_db_isoform 
1 1 PDB 1TTD 1TTD ? ? ? 
2 2 PDB 1TTD 1TTD ? ? ? 
# 
loop_
_struct_ref_seq.align_id 
_struct_ref_seq.ref_id 
_struct_ref_seq.pdbx_PDB_id_code 
_struct_ref_seq.pdbx_strand_id 
_struct_ref_seq.seq_align_beg 
_struct_ref_seq.pdbx_seq_align_beg_ins_code 
_struct_ref_seq.seq_align_end 
_struct_ref_seq.pdbx_seq_align_end_ins_code 
_struct_ref_seq.pdbx_db_accession 
_struct_ref_seq.db_align_beg 
_struct_ref_seq.pdbx_db_align_beg_ins_code 
_struct_ref_seq.db_align_end 
_struct_ref_seq.pdbx_db_align_end_ins_code 
_struct_ref_seq.pdbx_auth_seq_align_beg 
_struct_ref_seq.pdbx_auth_seq_align_end 
1 1 1TTD A 1 ? 11 ? 1TTD 1 ? 12 ? 1 12 
2 2 1TTD B 1 ? 12 ? 1TTD 1 ? 12 ? 1 12 
# 
_pdbx_struct_assembly.id                   1 
_pdbx_struct_assembly.details              author_defined_assembly 
_pdbx_struct_assembly.method_details       ? 
_pdbx_struct_assembly.oligomeric_details   dimeric 
_pdbx_struct_assembly.oligomeric_count     2 
# 
_pdbx_struct_assembly_gen.assembly_id       1 
_pdbx_struct_assembly_gen.oper_expression   1 
_pdbx_struct_assembly_gen.asym_id_list      A,B 
# 
_pdbx_struct_oper_list.id                   1 
_pdbx_struct_oper_list.type                 'identity operation' 
_pdbx_struct_oper_list.name                 1_555 
_pdbx_struct_oper_list.symmetry_operation   x,y,z 
_pdbx_struct_oper_list.matrix[1][1]         1.0000000000 
_pdbx_struct_oper_list.matrix[1][2]         0.0000000000 
_pdbx_struct_oper_list.matrix[1][3]         0.0000000000 
_pdbx_struct_oper_list.vector[1]            0.0000000000 
_pdbx_struct_oper_list.matrix[2][1]         0.0000000000 
_pdbx_struct_oper_list.matrix[2][2]         1.0000000000 
_pdbx_struct_oper_list.matrix[2][3]         0.0000000000 
_pdbx_struct_oper_list.vector[2]            0.0000000000 
_pdbx_struct_oper_list.matrix[3][1]         0.0000000000 
_pdbx_struct_oper_list.matrix[3][2]         0.0000000000 
_pdbx_struct_oper_list.matrix[3][3]         1.0000000000 
_pdbx_struct_oper_list.vector[3]            0.0000000000 
# 
_struct_biol.id        1 
_struct_biol.details   ? 
# 
loop_
_struct_conn.id 
_struct_conn.conn_type_id 
_struct_conn.pdbx_leaving_atom_flag 
_struct_conn.pdbx_PDB_id 
_struct_conn.ptnr1_label_asym_id 
_struct_conn.ptnr1_label_comp_id 
_struct_conn.ptnr1_label_seq_id 
_struct_conn.ptnr1_label_atom_id 
_struct_conn.pdbx_ptnr1_label_alt_id 
_struct_conn.pdbx_ptnr1_PDB_ins_code 
_struct_conn.pdbx_ptnr1_standard_comp_id 
_struct_conn.ptnr1_symmetry 
_struct_conn.ptnr2_label_asym_id 
_struct_conn.ptnr2_label_comp_id 
_struct_conn.ptnr2_label_seq_id 
_struct_conn.ptnr2_label_atom_id 
_struct_conn.pdbx_ptnr2_label_alt_id 
_struct_conn.pdbx_ptnr2_PDB_ins_code 
_struct_conn.ptnr1_auth_asym_id 
_struct_conn.ptnr1_auth_comp_id 
_struct_conn.ptnr1_auth_seq_id 
_struct_conn.ptnr2_auth_asym_id 
_struct_conn.ptnr2_auth_comp_id 
_struct_conn.ptnr2_auth_seq_id 
_struct_conn.ptnr2_symmetry 
_struct_conn.pdbx_ptnr3_label_atom_id 
_struct_conn.pdbx_ptnr3_label_seq_id 
_struct_conn.pdbx_ptnr3_label_comp_id 
_struct_conn.pdbx_ptnr3_label_asym_id 
_struct_conn.pdbx_ptnr3_label_alt_id 
_struct_conn.pdbx_ptnr3_PDB_ins_code 
_struct_conn.details 
_struct_conn.pdbx_dist_value 
_struct_conn.pdbx_value_order 
_struct_conn.pdbx_role 
covale1  covale both ? A DA  7  "O3'" ? ? ? 1_555 A TTD 8  P  ? ? A DA  7  A TTD 9  1_555 ? ? ? ? ? ? ?            1.617 ? ? 
covale2  covale both ? A TTD 8  "O3'" ? ? ? 1_555 A DA  9  P  ? ? A TTD 9  A DA  10 1_555 ? ? ? ? ? ? ?            1.620 ? ? 
hydrog1  hydrog ?    ? A DG  1  N1    ? ? ? 1_555 B DC  12 N3 ? ? A DG  1  B DC  12 1_555 ? ? ? ? ? ? WATSON-CRICK ?     ? ? 
hydrog2  hydrog ?    ? A DG  1  N2    ? ? ? 1_555 B DC  12 O2 ? ? A DG  1  B DC  12 1_555 ? ? ? ? ? ? WATSON-CRICK ?     ? ? 
hydrog3  hydrog ?    ? A DG  1  O6    ? ? ? 1_555 B DC  12 N4 ? ? A DG  1  B DC  12 1_555 ? ? ? ? ? ? WATSON-CRICK ?     ? ? 
hydrog4  hydrog ?    ? A DC  2  N3    ? ? ? 1_555 B DG  11 N1 ? ? A DC  2  B DG  11 1_555 ? ? ? ? ? ? WATSON-CRICK ?     ? ? 
hydrog5  hydrog ?    ? A DC  2  N4    ? ? ? 1_555 B DG  11 O6 ? ? A DC  2  B DG  11 1_555 ? ? ? ? ? ? WATSON-CRICK ?     ? ? 
hydrog6  hydrog ?    ? A DC  2  O2    ? ? ? 1_555 B DG  11 N2 ? ? A DC  2  B DG  11 1_555 ? ? ? ? ? ? WATSON-CRICK ?     ? ? 
hydrog7  hydrog ?    ? A DA  3  N1    ? ? ? 1_555 B DT  10 N3 ? ? A DA  3  B DT  10 1_555 ? ? ? ? ? ? WATSON-CRICK ?     ? ? 
hydrog8  hydrog ?    ? A DA  3  N6    ? ? ? 1_555 B DT  10 O4 ? ? A DA  3  B DT  10 1_555 ? ? ? ? ? ? WATSON-CRICK ?     ? ? 
hydrog9  hydrog ?    ? A DC  4  N3    ? ? ? 1_555 B DG  9  N1 ? ? A DC  4  B DG  9  1_555 ? ? ? ? ? ? WATSON-CRICK ?     ? ? 
hydrog10 hydrog ?    ? A DC  4  N4    ? ? ? 1_555 B DG  9  O6 ? ? A DC  4  B DG  9  1_555 ? ? ? ? ? ? WATSON-CRICK ?     ? ? 
hydrog11 hydrog ?    ? A DC  4  O2    ? ? ? 1_555 B DG  9  N2 ? ? A DC  4  B DG  9  1_555 ? ? ? ? ? ? WATSON-CRICK ?     ? ? 
hydrog12 hydrog ?    ? A DG  5  N1    ? ? ? 1_555 B DC  8  N3 ? ? A DG  5  B DC  8  1_555 ? ? ? ? ? ? WATSON-CRICK ?     ? ? 
hydrog13 hydrog ?    ? A DG  5  N2    ? ? ? 1_555 B DC  8  O2 ? ? A DG  5  B DC  8  1_555 ? ? ? ? ? ? WATSON-CRICK ?     ? ? 
hydrog14 hydrog ?    ? A DG  5  O6    ? ? ? 1_555 B DC  8  N4 ? ? A DG  5  B DC  8  1_555 ? ? ? ? ? ? WATSON-CRICK ?     ? ? 
hydrog15 hydrog ?    ? A DA  6  N1    ? ? ? 1_555 B DT  7  N3 ? ? A DA  6  B DT  7  1_555 ? ? ? ? ? ? WATSON-CRICK ?     ? ? 
hydrog16 hydrog ?    ? A DA  6  N6    ? ? ? 1_555 B DT  7  O4 ? ? A DA  6  B DT  7  1_555 ? ? ? ? ? ? WATSON-CRICK ?     ? ? 
hydrog17 hydrog ?    ? A DA  7  N1    ? ? ? 1_555 B DT  6  N3 ? ? A DA  7  B DT  6  1_555 ? ? ? ? ? ? WATSON-CRICK ?     ? ? 
hydrog18 hydrog ?    ? A DA  7  N6    ? ? ? 1_555 B DT  6  O4 ? ? A DA  7  B DT  6  1_555 ? ? ? ? ? ? WATSON-CRICK ?     ? ? 
hydrog19 hydrog ?    ? A DA  9  N6    ? ? ? 1_555 B DT  2  O4 ? ? A DA  10 B DT  2  1_555 ? ? ? ? ? ? 'DA-DT PAIR' ?     ? ? 
hydrog20 hydrog ?    ? A DA  9  N1    ? ? ? 1_555 B DT  3  N3 ? ? A DA  10 B DT  3  1_555 ? ? ? ? ? ? WATSON-CRICK ?     ? ? 
hydrog21 hydrog ?    ? A DA  9  N6    ? ? ? 1_555 B DT  3  O4 ? ? A DA  10 B DT  3  1_555 ? ? ? ? ? ? WATSON-CRICK ?     ? ? 
hydrog22 hydrog ?    ? A DA  10 N1    ? ? ? 1_555 B DT  2  N3 ? ? A DA  11 B DT  2  1_555 ? ? ? ? ? ? WATSON-CRICK ?     ? ? 
hydrog23 hydrog ?    ? A DA  10 N6    ? ? ? 1_555 B DT  2  O4 ? ? A DA  11 B DT  2  1_555 ? ? ? ? ? ? WATSON-CRICK ?     ? ? 
hydrog24 hydrog ?    ? A DG  11 N1    ? ? ? 1_555 B DC  1  N3 ? ? A DG  12 B DC  1  1_555 ? ? ? ? ? ? WATSON-CRICK ?     ? ? 
hydrog25 hydrog ?    ? A DG  11 N2    ? ? ? 1_555 B DC  1  O2 ? ? A DG  12 B DC  1  1_555 ? ? ? ? ? ? WATSON-CRICK ?     ? ? 
hydrog26 hydrog ?    ? A DG  11 O6    ? ? ? 1_555 B DC  1  N4 ? ? A DG  12 B DC  1  1_555 ? ? ? ? ? ? WATSON-CRICK ?     ? ? 
# 
loop_
_struct_conn_type.id 
_struct_conn_type.criteria 
_struct_conn_type.reference 
covale ? ? 
hydrog ? ? 
# 
loop_
_pdbx_validate_rmsd_bond.id 
_pdbx_validate_rmsd_bond.PDB_model_num 
_pdbx_validate_rmsd_bond.auth_atom_id_1 
_pdbx_validate_rmsd_bond.auth_asym_id_1 
_pdbx_validate_rmsd_bond.auth_comp_id_1 
_pdbx_validate_rmsd_bond.auth_seq_id_1 
_pdbx_validate_rmsd_bond.PDB_ins_code_1 
_pdbx_validate_rmsd_bond.label_alt_id_1 
_pdbx_validate_rmsd_bond.auth_atom_id_2 
_pdbx_validate_rmsd_bond.auth_asym_id_2 
_pdbx_validate_rmsd_bond.auth_comp_id_2 
_pdbx_validate_rmsd_bond.auth_seq_id_2 
_pdbx_validate_rmsd_bond.PDB_ins_code_2 
_pdbx_validate_rmsd_bond.label_alt_id_2 
_pdbx_validate_rmsd_bond.bond_value 
_pdbx_validate_rmsd_bond.bond_target_value 
_pdbx_validate_rmsd_bond.bond_deviation 
_pdbx_validate_rmsd_bond.bond_standard_deviation 
_pdbx_validate_rmsd_bond.linker_flag 
1 1 "C5'" A DC 4  ? ? "C4'" A DC 4  ? ? 1.561 1.512 0.049  0.007 N 
2 1 "C5'" A DA 6  ? ? "C4'" A DA 6  ? ? 1.565 1.512 0.053  0.007 N 
3 1 "C5'" A DG 12 ? ? "C4'" A DG 12 ? ? 1.561 1.512 0.049  0.007 N 
4 1 "C5'" B DC 1  ? ? "C4'" B DC 1  ? ? 1.561 1.512 0.049  0.007 N 
5 1 C6    B DT 2  ? ? N1    B DT 2  ? ? 1.334 1.378 -0.044 0.007 N 
6 1 "C5'" B DT 6  ? ? "C4'" B DT 6  ? ? 1.562 1.512 0.050  0.007 N 
7 1 "C5'" B DC 8  ? ? "C4'" B DC 8  ? ? 1.558 1.512 0.046  0.007 N 
# 
loop_
_pdbx_validate_rmsd_angle.id 
_pdbx_validate_rmsd_angle.PDB_model_num 
_pdbx_validate_rmsd_angle.auth_atom_id_1 
_pdbx_validate_rmsd_angle.auth_asym_id_1 
_pdbx_validate_rmsd_angle.auth_comp_id_1 
_pdbx_validate_rmsd_angle.auth_seq_id_1 
_pdbx_validate_rmsd_angle.PDB_ins_code_1 
_pdbx_validate_rmsd_angle.label_alt_id_1 
_pdbx_validate_rmsd_angle.auth_atom_id_2 
_pdbx_validate_rmsd_angle.auth_asym_id_2 
_pdbx_validate_rmsd_angle.auth_comp_id_2 
_pdbx_validate_rmsd_angle.auth_seq_id_2 
_pdbx_validate_rmsd_angle.PDB_ins_code_2 
_pdbx_validate_rmsd_angle.label_alt_id_2 
_pdbx_validate_rmsd_angle.auth_atom_id_3 
_pdbx_validate_rmsd_angle.auth_asym_id_3 
_pdbx_validate_rmsd_angle.auth_comp_id_3 
_pdbx_validate_rmsd_angle.auth_seq_id_3 
_pdbx_validate_rmsd_angle.PDB_ins_code_3 
_pdbx_validate_rmsd_angle.label_alt_id_3 
_pdbx_validate_rmsd_angle.angle_value 
_pdbx_validate_rmsd_angle.angle_target_value 
_pdbx_validate_rmsd_angle.angle_deviation 
_pdbx_validate_rmsd_angle.angle_standard_deviation 
_pdbx_validate_rmsd_angle.linker_flag 
1  1 "O4'" A DG 1  ? ? "C1'" A DG 1  ? ? N9    A DG 1  ? ? 110.57 108.30 2.27  0.30 N 
2  1 "O4'" A DC 2  ? ? "C1'" A DC 2  ? ? "C2'" A DC 2  ? ? 101.09 105.90 -4.81 0.80 N 
3  1 N1    A DC 2  ? ? C2    A DC 2  ? ? O2    A DC 2  ? ? 122.60 118.90 3.70  0.60 N 
4  1 "O4'" A DA 3  ? ? "C1'" A DA 3  ? ? N9    A DA 3  ? ? 115.94 108.30 7.64  0.30 N 
5  1 N7    A DA 3  ? ? C8    A DA 3  ? ? N9    A DA 3  ? ? 117.08 113.80 3.28  0.50 N 
6  1 "O4'" A DC 4  ? ? "C1'" A DC 4  ? ? N1    A DC 4  ? ? 112.33 108.30 4.03  0.30 N 
7  1 "O4'" A DG 5  ? ? "C1'" A DG 5  ? ? N9    A DG 5  ? ? 114.34 108.30 6.04  0.30 N 
8  1 N7    A DG 5  ? ? C8    A DG 5  ? ? N9    A DG 5  ? ? 116.18 113.10 3.08  0.50 N 
9  1 "O4'" A DA 6  ? ? "C1'" A DA 6  ? ? "C2'" A DA 6  ? ? 99.80  105.90 -6.10 0.80 N 
10 1 "O4'" A DA 6  ? ? "C1'" A DA 6  ? ? N9    A DA 6  ? ? 112.45 108.30 4.15  0.30 N 
11 1 "O4'" A DA 7  ? ? "C1'" A DA 7  ? ? N9    A DA 7  ? ? 111.06 108.30 2.76  0.30 N 
12 1 "O4'" A DA 10 ? ? "C1'" A DA 10 ? ? N9    A DA 10 ? ? 113.78 108.30 5.48  0.30 N 
13 1 "O4'" A DA 11 ? ? "C1'" A DA 11 ? ? N9    A DA 11 ? ? 112.47 108.30 4.17  0.30 N 
14 1 "O4'" A DG 12 ? ? "C1'" A DG 12 ? ? N9    A DG 12 ? ? 110.86 108.30 2.56  0.30 N 
15 1 "O4'" B DC 1  ? ? "C1'" B DC 1  ? ? N1    B DC 1  ? ? 111.61 108.30 3.31  0.30 N 
16 1 N1    B DT 2  ? ? "C1'" B DT 2  ? ? "C2'" B DT 2  ? ? 123.74 114.30 9.44  1.40 N 
17 1 "O4'" B DT 2  ? ? "C1'" B DT 2  ? ? N1    B DT 2  ? ? 112.86 108.30 4.56  0.30 N 
18 1 "O4'" B DT 3  ? ? "C1'" B DT 3  ? ? N1    B DT 3  ? ? 115.37 108.30 7.07  0.30 N 
19 1 "O4'" B DA 4  ? ? "C1'" B DA 4  ? ? N9    B DA 4  ? ? 115.84 108.30 7.54  0.30 N 
20 1 "O4'" B DA 5  ? ? "C1'" B DA 5  ? ? N9    B DA 5  ? ? 115.43 108.30 7.13  0.30 N 
21 1 "O4'" B DT 6  ? ? "C1'" B DT 6  ? ? N1    B DT 6  ? ? 111.13 108.30 2.83  0.30 N 
22 1 "O4'" B DT 7  ? ? "C1'" B DT 7  ? ? N1    B DT 7  ? ? 113.51 108.30 5.21  0.30 N 
23 1 "O4'" B DC 8  ? ? "C1'" B DC 8  ? ? N1    B DC 8  ? ? 111.98 108.30 3.68  0.30 N 
24 1 "O4'" B DG 9  ? ? "C1'" B DG 9  ? ? N9    B DG 9  ? ? 115.04 108.30 6.74  0.30 N 
25 1 "O4'" B DT 10 ? ? "C1'" B DT 10 ? ? N1    B DT 10 ? ? 113.20 108.30 4.90  0.30 N 
26 1 "O4'" B DG 11 ? ? "C1'" B DG 11 ? ? "C2'" B DG 11 ? ? 100.32 105.90 -5.58 0.80 N 
27 1 "O4'" B DG 11 ? ? "C1'" B DG 11 ? ? N9    B DG 11 ? ? 114.87 108.30 6.57  0.30 N 
# 
loop_
_pdbx_validate_planes.id 
_pdbx_validate_planes.PDB_model_num 
_pdbx_validate_planes.auth_comp_id 
_pdbx_validate_planes.auth_asym_id 
_pdbx_validate_planes.auth_seq_id 
_pdbx_validate_planes.PDB_ins_code 
_pdbx_validate_planes.label_alt_id 
_pdbx_validate_planes.rmsd 
_pdbx_validate_planes.type 
1 1 DG A 1  ? ? 0.125 'SIDE CHAIN' 
2 1 DC A 4  ? ? 0.075 'SIDE CHAIN' 
3 1 DG A 5  ? ? 0.051 'SIDE CHAIN' 
4 1 DA A 7  ? ? 0.097 'SIDE CHAIN' 
5 1 DC B 1  ? ? 0.090 'SIDE CHAIN' 
6 1 DC B 8  ? ? 0.062 'SIDE CHAIN' 
7 1 DT B 10 ? ? 0.060 'SIDE CHAIN' 
8 1 DG B 11 ? ? 0.071 'SIDE CHAIN' 
# 
_pdbx_struct_mod_residue.id               1 
_pdbx_struct_mod_residue.label_asym_id    A 
_pdbx_struct_mod_residue.label_comp_id    TTD 
_pdbx_struct_mod_residue.label_seq_id     8 
_pdbx_struct_mod_residue.auth_asym_id     A 
_pdbx_struct_mod_residue.auth_comp_id     TTD 
_pdbx_struct_mod_residue.auth_seq_id      9 
_pdbx_struct_mod_residue.PDB_ins_code     ? 
_pdbx_struct_mod_residue.parent_comp_id   DT 
_pdbx_struct_mod_residue.details          'CIS-SYN CYCLOBUTANE THYMINE DIMER' 
# 
_pdbx_nmr_ensemble.entry_id                                      1TTD 
_pdbx_nmr_ensemble.conformers_calculated_total_number            ? 
_pdbx_nmr_ensemble.conformers_submitted_total_number             1 
_pdbx_nmr_ensemble.conformer_selection_criteria                  ? 
_pdbx_nmr_ensemble.average_constraints_per_residue               ? 
_pdbx_nmr_ensemble.average_constraint_violations_per_residue     ? 
_pdbx_nmr_ensemble.maximum_distance_constraint_violation         ? 
_pdbx_nmr_ensemble.average_distance_constraint_violation         ? 
_pdbx_nmr_ensemble.maximum_upper_distance_constraint_violation   ? 
_pdbx_nmr_ensemble.maximum_lower_distance_constraint_violation   ? 
_pdbx_nmr_ensemble.distance_constraint_violation_method          ? 
_pdbx_nmr_ensemble.maximum_torsion_angle_constraint_violation    ? 
_pdbx_nmr_ensemble.average_torsion_angle_constraint_violation    ? 
_pdbx_nmr_ensemble.torsion_angle_constraint_violation_method     ? 
# 
_pdbx_nmr_exptl_sample_conditions.conditions_id       1 
_pdbx_nmr_exptl_sample_conditions.temperature         278 
_pdbx_nmr_exptl_sample_conditions.pressure            ? 
_pdbx_nmr_exptl_sample_conditions.pH                  6.6 
_pdbx_nmr_exptl_sample_conditions.ionic_strength      ? 
_pdbx_nmr_exptl_sample_conditions.pressure_units      ? 
_pdbx_nmr_exptl_sample_conditions.temperature_units   K 
# 
loop_
_pdbx_nmr_exptl.experiment_id 
_pdbx_nmr_exptl.conditions_id 
_pdbx_nmr_exptl.type 
_pdbx_nmr_exptl.solution_id 
1 1 NOESY        1 
2 1 DQF-COSY     1 
3 1 HELCO        1 
4 1 HETERO-TOCSY 1 
# 
_pdbx_nmr_details.entry_id   1TTD 
_pdbx_nmr_details.text       'MEAN STRUCTURE' 
# 
_pdbx_nmr_refine.entry_id           1TTD 
_pdbx_nmr_refine.method             'molecular dynamics' 
_pdbx_nmr_refine.details            'REFINEMENT DETAILS CAN BE FOUND IN THE JOURNAL CITATION ABOVE.' 
_pdbx_nmr_refine.software_ordinal   1 
# 
loop_
_pdbx_nmr_software.classification 
_pdbx_nmr_software.name 
_pdbx_nmr_software.version 
_pdbx_nmr_software.authors 
_pdbx_nmr_software.ordinal 
refinement           Discover 3.1 BIOSYM/MSI 1 
'structure solution' Felix    ?   ?          2 
'structure solution' Discover ?   ?          3 
'structure solution' BIRDER   ?   ?          4 
# 
loop_
_chem_comp_atom.comp_id 
_chem_comp_atom.atom_id 
_chem_comp_atom.type_symbol 
_chem_comp_atom.pdbx_aromatic_flag 
_chem_comp_atom.pdbx_stereo_config 
_chem_comp_atom.pdbx_ordinal 
DA  OP3    O N N 1   
DA  P      P N N 2   
DA  OP1    O N N 3   
DA  OP2    O N N 4   
DA  "O5'"  O N N 5   
DA  "C5'"  C N N 6   
DA  "C4'"  C N R 7   
DA  "O4'"  O N N 8   
DA  "C3'"  C N S 9   
DA  "O3'"  O N N 10  
DA  "C2'"  C N N 11  
DA  "C1'"  C N R 12  
DA  N9     N Y N 13  
DA  C8     C Y N 14  
DA  N7     N Y N 15  
DA  C5     C Y N 16  
DA  C6     C Y N 17  
DA  N6     N N N 18  
DA  N1     N Y N 19  
DA  C2     C Y N 20  
DA  N3     N Y N 21  
DA  C4     C Y N 22  
DA  HOP3   H N N 23  
DA  HOP2   H N N 24  
DA  "H5'"  H N N 25  
DA  "H5''" H N N 26  
DA  "H4'"  H N N 27  
DA  "H3'"  H N N 28  
DA  "HO3'" H N N 29  
DA  "H2'"  H N N 30  
DA  "H2''" H N N 31  
DA  "H1'"  H N N 32  
DA  H8     H N N 33  
DA  H61    H N N 34  
DA  H62    H N N 35  
DA  H2     H N N 36  
DC  OP3    O N N 37  
DC  P      P N N 38  
DC  OP1    O N N 39  
DC  OP2    O N N 40  
DC  "O5'"  O N N 41  
DC  "C5'"  C N N 42  
DC  "C4'"  C N R 43  
DC  "O4'"  O N N 44  
DC  "C3'"  C N S 45  
DC  "O3'"  O N N 46  
DC  "C2'"  C N N 47  
DC  "C1'"  C N R 48  
DC  N1     N N N 49  
DC  C2     C N N 50  
DC  O2     O N N 51  
DC  N3     N N N 52  
DC  C4     C N N 53  
DC  N4     N N N 54  
DC  C5     C N N 55  
DC  C6     C N N 56  
DC  HOP3   H N N 57  
DC  HOP2   H N N 58  
DC  "H5'"  H N N 59  
DC  "H5''" H N N 60  
DC  "H4'"  H N N 61  
DC  "H3'"  H N N 62  
DC  "HO3'" H N N 63  
DC  "H2'"  H N N 64  
DC  "H2''" H N N 65  
DC  "H1'"  H N N 66  
DC  H41    H N N 67  
DC  H42    H N N 68  
DC  H5     H N N 69  
DC  H6     H N N 70  
DG  OP3    O N N 71  
DG  P      P N N 72  
DG  OP1    O N N 73  
DG  OP2    O N N 74  
DG  "O5'"  O N N 75  
DG  "C5'"  C N N 76  
DG  "C4'"  C N R 77  
DG  "O4'"  O N N 78  
DG  "C3'"  C N S 79  
DG  "O3'"  O N N 80  
DG  "C2'"  C N N 81  
DG  "C1'"  C N R 82  
DG  N9     N Y N 83  
DG  C8     C Y N 84  
DG  N7     N Y N 85  
DG  C5     C Y N 86  
DG  C6     C N N 87  
DG  O6     O N N 88  
DG  N1     N N N 89  
DG  C2     C N N 90  
DG  N2     N N N 91  
DG  N3     N N N 92  
DG  C4     C Y N 93  
DG  HOP3   H N N 94  
DG  HOP2   H N N 95  
DG  "H5'"  H N N 96  
DG  "H5''" H N N 97  
DG  "H4'"  H N N 98  
DG  "H3'"  H N N 99  
DG  "HO3'" H N N 100 
DG  "H2'"  H N N 101 
DG  "H2''" H N N 102 
DG  "H1'"  H N N 103 
DG  H8     H N N 104 
DG  H1     H N N 105 
DG  H21    H N N 106 
DG  H22    H N N 107 
DT  OP3    O N N 108 
DT  P      P N N 109 
DT  OP1    O N N 110 
DT  OP2    O N N 111 
DT  "O5'"  O N N 112 
DT  "C5'"  C N N 113 
DT  "C4'"  C N R 114 
DT  "O4'"  O N N 115 
DT  "C3'"  C N S 116 
DT  "O3'"  O N N 117 
DT  "C2'"  C N N 118 
DT  "C1'"  C N R 119 
DT  N1     N N N 120 
DT  C2     C N N 121 
DT  O2     O N N 122 
DT  N3     N N N 123 
DT  C4     C N N 124 
DT  O4     O N N 125 
DT  C5     C N N 126 
DT  C7     C N N 127 
DT  C6     C N N 128 
DT  HOP3   H N N 129 
DT  HOP2   H N N 130 
DT  "H5'"  H N N 131 
DT  "H5''" H N N 132 
DT  "H4'"  H N N 133 
DT  "H3'"  H N N 134 
DT  "HO3'" H N N 135 
DT  "H2'"  H N N 136 
DT  "H2''" H N N 137 
DT  "H1'"  H N N 138 
DT  H3     H N N 139 
DT  H71    H N N 140 
DT  H72    H N N 141 
DT  H73    H N N 142 
DT  H6     H N N 143 
TTD P      P N N 144 
TTD OP1    O N N 145 
TTD OP2    O N N 146 
TTD OP3    O N N 147 
TTD "O5'"  O N N 148 
TTD "C5'"  C N N 149 
TTD C4R    C N R 150 
TTD "O4'"  O N N 151 
TTD C3R    C N S 152 
TTD O3R    O N N 153 
TTD "C2'"  C N N 154 
TTD "C1'"  C N R 155 
TTD N1     N N N 156 
TTD C2     C N N 157 
TTD O2     O N N 158 
TTD N3     N N N 159 
TTD C4     C N N 160 
TTD O4     O N N 161 
TTD C5     C N R 162 
TTD C5A    C N N 163 
TTD C6     C N R 164 
TTD PB     P N S 165 
TTD O5P    O N N 166 
TTD O4P    O N N 167 
TTD O5R    O N N 168 
TTD C5R    C N N 169 
TTD O4R    O N N 170 
TTD C2R    C N N 171 
TTD C1R    C N R 172 
TTD N1T    N N N 173 
TTD C2T    C N N 174 
TTD O2T    O N N 175 
TTD N3T    N N N 176 
TTD C4T    C N N 177 
TTD O4T    O N N 178 
TTD C5T    C N S 179 
TTD C5M    C N N 180 
TTD C6T    C N S 181 
TTD "C4'"  C N R 182 
TTD "C3'"  C N S 183 
TTD "O3'"  O N N 184 
TTD HOP2   H N N 185 
TTD HOP3   H N N 186 
TTD "H5'"  H N N 187 
TTD "H5''" H N N 188 
TTD H4R    H N N 189 
TTD H3R    H N N 190 
TTD "H2'"  H N N 191 
TTD "H2''" H N N 192 
TTD "H1'"  H N N 193 
TTD HN3    H N N 194 
TTD H5A1   H N N 195 
TTD H5A2   H N N 196 
TTD H5A3   H N N 197 
TTD H6     H N N 198 
TTD H4P    H N N 199 
TTD H5R1   H N N 200 
TTD H5R2   H N N 201 
TTD H2R1   H N N 202 
TTD H2R2   H N N 203 
TTD H1R    H N N 204 
TTD HT     H N N 205 
TTD H71    H N N 206 
TTD H72    H N N 207 
TTD H73    H N N 208 
TTD H6T    H N N 209 
TTD "H4'"  H N N 210 
TTD H1     H N N 211 
TTD "HO3'" H N N 212 
# 
loop_
_chem_comp_bond.comp_id 
_chem_comp_bond.atom_id_1 
_chem_comp_bond.atom_id_2 
_chem_comp_bond.value_order 
_chem_comp_bond.pdbx_aromatic_flag 
_chem_comp_bond.pdbx_stereo_config 
_chem_comp_bond.pdbx_ordinal 
DA  OP3   P      sing N N 1   
DA  OP3   HOP3   sing N N 2   
DA  P     OP1    doub N N 3   
DA  P     OP2    sing N N 4   
DA  P     "O5'"  sing N N 5   
DA  OP2   HOP2   sing N N 6   
DA  "O5'" "C5'"  sing N N 7   
DA  "C5'" "C4'"  sing N N 8   
DA  "C5'" "H5'"  sing N N 9   
DA  "C5'" "H5''" sing N N 10  
DA  "C4'" "O4'"  sing N N 11  
DA  "C4'" "C3'"  sing N N 12  
DA  "C4'" "H4'"  sing N N 13  
DA  "O4'" "C1'"  sing N N 14  
DA  "C3'" "O3'"  sing N N 15  
DA  "C3'" "C2'"  sing N N 16  
DA  "C3'" "H3'"  sing N N 17  
DA  "O3'" "HO3'" sing N N 18  
DA  "C2'" "C1'"  sing N N 19  
DA  "C2'" "H2'"  sing N N 20  
DA  "C2'" "H2''" sing N N 21  
DA  "C1'" N9     sing N N 22  
DA  "C1'" "H1'"  sing N N 23  
DA  N9    C8     sing Y N 24  
DA  N9    C4     sing Y N 25  
DA  C8    N7     doub Y N 26  
DA  C8    H8     sing N N 27  
DA  N7    C5     sing Y N 28  
DA  C5    C6     sing Y N 29  
DA  C5    C4     doub Y N 30  
DA  C6    N6     sing N N 31  
DA  C6    N1     doub Y N 32  
DA  N6    H61    sing N N 33  
DA  N6    H62    sing N N 34  
DA  N1    C2     sing Y N 35  
DA  C2    N3     doub Y N 36  
DA  C2    H2     sing N N 37  
DA  N3    C4     sing Y N 38  
DC  OP3   P      sing N N 39  
DC  OP3   HOP3   sing N N 40  
DC  P     OP1    doub N N 41  
DC  P     OP2    sing N N 42  
DC  P     "O5'"  sing N N 43  
DC  OP2   HOP2   sing N N 44  
DC  "O5'" "C5'"  sing N N 45  
DC  "C5'" "C4'"  sing N N 46  
DC  "C5'" "H5'"  sing N N 47  
DC  "C5'" "H5''" sing N N 48  
DC  "C4'" "O4'"  sing N N 49  
DC  "C4'" "C3'"  sing N N 50  
DC  "C4'" "H4'"  sing N N 51  
DC  "O4'" "C1'"  sing N N 52  
DC  "C3'" "O3'"  sing N N 53  
DC  "C3'" "C2'"  sing N N 54  
DC  "C3'" "H3'"  sing N N 55  
DC  "O3'" "HO3'" sing N N 56  
DC  "C2'" "C1'"  sing N N 57  
DC  "C2'" "H2'"  sing N N 58  
DC  "C2'" "H2''" sing N N 59  
DC  "C1'" N1     sing N N 60  
DC  "C1'" "H1'"  sing N N 61  
DC  N1    C2     sing N N 62  
DC  N1    C6     sing N N 63  
DC  C2    O2     doub N N 64  
DC  C2    N3     sing N N 65  
DC  N3    C4     doub N N 66  
DC  C4    N4     sing N N 67  
DC  C4    C5     sing N N 68  
DC  N4    H41    sing N N 69  
DC  N4    H42    sing N N 70  
DC  C5    C6     doub N N 71  
DC  C5    H5     sing N N 72  
DC  C6    H6     sing N N 73  
DG  OP3   P      sing N N 74  
DG  OP3   HOP3   sing N N 75  
DG  P     OP1    doub N N 76  
DG  P     OP2    sing N N 77  
DG  P     "O5'"  sing N N 78  
DG  OP2   HOP2   sing N N 79  
DG  "O5'" "C5'"  sing N N 80  
DG  "C5'" "C4'"  sing N N 81  
DG  "C5'" "H5'"  sing N N 82  
DG  "C5'" "H5''" sing N N 83  
DG  "C4'" "O4'"  sing N N 84  
DG  "C4'" "C3'"  sing N N 85  
DG  "C4'" "H4'"  sing N N 86  
DG  "O4'" "C1'"  sing N N 87  
DG  "C3'" "O3'"  sing N N 88  
DG  "C3'" "C2'"  sing N N 89  
DG  "C3'" "H3'"  sing N N 90  
DG  "O3'" "HO3'" sing N N 91  
DG  "C2'" "C1'"  sing N N 92  
DG  "C2'" "H2'"  sing N N 93  
DG  "C2'" "H2''" sing N N 94  
DG  "C1'" N9     sing N N 95  
DG  "C1'" "H1'"  sing N N 96  
DG  N9    C8     sing Y N 97  
DG  N9    C4     sing Y N 98  
DG  C8    N7     doub Y N 99  
DG  C8    H8     sing N N 100 
DG  N7    C5     sing Y N 101 
DG  C5    C6     sing N N 102 
DG  C5    C4     doub Y N 103 
DG  C6    O6     doub N N 104 
DG  C6    N1     sing N N 105 
DG  N1    C2     sing N N 106 
DG  N1    H1     sing N N 107 
DG  C2    N2     sing N N 108 
DG  C2    N3     doub N N 109 
DG  N2    H21    sing N N 110 
DG  N2    H22    sing N N 111 
DG  N3    C4     sing N N 112 
DT  OP3   P      sing N N 113 
DT  OP3   HOP3   sing N N 114 
DT  P     OP1    doub N N 115 
DT  P     OP2    sing N N 116 
DT  P     "O5'"  sing N N 117 
DT  OP2   HOP2   sing N N 118 
DT  "O5'" "C5'"  sing N N 119 
DT  "C5'" "C4'"  sing N N 120 
DT  "C5'" "H5'"  sing N N 121 
DT  "C5'" "H5''" sing N N 122 
DT  "C4'" "O4'"  sing N N 123 
DT  "C4'" "C3'"  sing N N 124 
DT  "C4'" "H4'"  sing N N 125 
DT  "O4'" "C1'"  sing N N 126 
DT  "C3'" "O3'"  sing N N 127 
DT  "C3'" "C2'"  sing N N 128 
DT  "C3'" "H3'"  sing N N 129 
DT  "O3'" "HO3'" sing N N 130 
DT  "C2'" "C1'"  sing N N 131 
DT  "C2'" "H2'"  sing N N 132 
DT  "C2'" "H2''" sing N N 133 
DT  "C1'" N1     sing N N 134 
DT  "C1'" "H1'"  sing N N 135 
DT  N1    C2     sing N N 136 
DT  N1    C6     sing N N 137 
DT  C2    O2     doub N N 138 
DT  C2    N3     sing N N 139 
DT  N3    C4     sing N N 140 
DT  N3    H3     sing N N 141 
DT  C4    O4     doub N N 142 
DT  C4    C5     sing N N 143 
DT  C5    C7     sing N N 144 
DT  C5    C6     doub N N 145 
DT  C7    H71    sing N N 146 
DT  C7    H72    sing N N 147 
DT  C7    H73    sing N N 148 
DT  C6    H6     sing N N 149 
TTD P     OP1    doub N N 150 
TTD P     OP2    sing N N 151 
TTD P     OP3    sing N N 152 
TTD P     "O5'"  sing N N 153 
TTD OP2   HOP2   sing N N 154 
TTD OP3   HOP3   sing N N 155 
TTD "O5'" "C5'"  sing N N 156 
TTD "C5'" C4R    sing N N 157 
TTD "C5'" "H5'"  sing N N 158 
TTD "C5'" "H5''" sing N N 159 
TTD C4R   "O4'"  sing N N 160 
TTD C4R   C3R    sing N N 161 
TTD C4R   H4R    sing N N 162 
TTD "O4'" "C1'"  sing N N 163 
TTD C3R   O3R    sing N N 164 
TTD C3R   "C2'"  sing N N 165 
TTD C3R   H3R    sing N N 166 
TTD O3R   PB     sing N N 167 
TTD "C2'" "C1'"  sing N N 168 
TTD "C2'" "H2'"  sing N N 169 
TTD "C2'" "H2''" sing N N 170 
TTD "C1'" N1     sing N N 171 
TTD "C1'" "H1'"  sing N N 172 
TTD N1    C2     sing N N 173 
TTD N1    C6     sing N N 174 
TTD C2    O2     doub N N 175 
TTD C2    N3     sing N N 176 
TTD N3    C4     sing N N 177 
TTD N3    HN3    sing N N 178 
TTD C4    O4     doub N N 179 
TTD C4    C5     sing N N 180 
TTD C5    C5A    sing N N 181 
TTD C5    C6     sing N N 182 
TTD C5    C5T    sing N N 183 
TTD C5A   H5A1   sing N N 184 
TTD C5A   H5A2   sing N N 185 
TTD C5A   H5A3   sing N N 186 
TTD C6    C6T    sing N N 187 
TTD C6    H6     sing N N 188 
TTD PB    O5P    doub N N 189 
TTD PB    O4P    sing N N 190 
TTD PB    O5R    sing N N 191 
TTD O4P   H4P    sing N N 192 
TTD O5R   C5R    sing N N 193 
TTD C5R   "C4'"  sing N N 194 
TTD C5R   H5R1   sing N N 195 
TTD C5R   H5R2   sing N N 196 
TTD O4R   C1R    sing N N 197 
TTD O4R   "C4'"  sing N N 198 
TTD C2R   C1R    sing N N 199 
TTD C2R   "C3'"  sing N N 200 
TTD C2R   H2R1   sing N N 201 
TTD C2R   H2R2   sing N N 202 
TTD C1R   N1T    sing N N 203 
TTD C1R   H1R    sing N N 204 
TTD N1T   C2T    sing N N 205 
TTD N1T   C6T    sing N N 206 
TTD C2T   O2T    doub N N 207 
TTD C2T   N3T    sing N N 208 
TTD N3T   C4T    sing N N 209 
TTD N3T   HT     sing N N 210 
TTD C4T   O4T    doub N N 211 
TTD C4T   C5T    sing N N 212 
TTD C5T   C5M    sing N N 213 
TTD C5T   C6T    sing N N 214 
TTD C5M   H71    sing N N 215 
TTD C5M   H72    sing N N 216 
TTD C5M   H73    sing N N 217 
TTD C6T   H6T    sing N N 218 
TTD "C4'" "C3'"  sing N N 219 
TTD "C4'" "H4'"  sing N N 220 
TTD "C3'" "O3'"  sing N N 221 
TTD "C3'" H1     sing N N 222 
TTD "O3'" "HO3'" sing N N 223 
# 
loop_
_ndb_struct_conf_na.entry_id 
_ndb_struct_conf_na.feature 
1TTD 'double helix'        
1TTD 'b-form double helix' 
# 
_pdbx_nmr_spectrometer.spectrometer_id   1 
_pdbx_nmr_spectrometer.model             UNITYPLUS 
_pdbx_nmr_spectrometer.manufacturer      Varian 
_pdbx_nmr_spectrometer.field_strength    750 
_pdbx_nmr_spectrometer.type              ? 
# 
_atom_sites.entry_id                    1TTD 
_atom_sites.fract_transf_matrix[1][1]   1.000000 
_atom_sites.fract_transf_matrix[1][2]   0.000000 
_atom_sites.fract_transf_matrix[1][3]   0.000000 
_atom_sites.fract_transf_matrix[2][1]   0.000000 
_atom_sites.fract_transf_matrix[2][2]   1.000000 
_atom_sites.fract_transf_matrix[2][3]   0.000000 
_atom_sites.fract_transf_matrix[3][1]   0.000000 
_atom_sites.fract_transf_matrix[3][2]   0.000000 
_atom_sites.fract_transf_matrix[3][3]   1.000000 
_atom_sites.fract_transf_vector[1]      0.00000 
_atom_sites.fract_transf_vector[2]      0.00000 
_atom_sites.fract_transf_vector[3]      0.00000 
# 
loop_
_atom_type.symbol 
C 
H 
N 
O 
P 
# 
loop_
_atom_site.group_PDB 
_atom_site.id 
_atom_site.type_symbol 
_atom_site.label_atom_id 
_atom_site.label_alt_id 
_atom_site.label_comp_id 
_atom_site.label_asym_id 
_atom_site.label_entity_id 
_atom_site.label_seq_id 
_atom_site.pdbx_PDB_ins_code 
_atom_site.Cartn_x 
_atom_site.Cartn_y 
_atom_site.Cartn_z 
_atom_site.occupancy 
_atom_site.B_iso_or_equiv 
_atom_site.pdbx_formal_charge 
_atom_site.auth_seq_id 
_atom_site.auth_comp_id 
_atom_site.auth_asym_id 
_atom_site.auth_atom_id 
_atom_site.pdbx_PDB_model_num 
ATOM   1   O "O5'"  . DG  A 1 1  ? 2.302   -23.697 4.495   1.00 0.00 ? 1  DG  A "O5'"  1 
ATOM   2   C "C5'"  . DG  A 1 1  ? 3.478   -24.145 5.133   1.00 0.00 ? 1  DG  A "C5'"  1 
ATOM   3   C "C4'"  . DG  A 1 1  ? 4.480   -22.990 5.340   1.00 0.00 ? 1  DG  A "C4'"  1 
ATOM   4   O "O4'"  . DG  A 1 1  ? 4.826   -22.392 4.093   1.00 0.00 ? 1  DG  A "O4'"  1 
ATOM   5   C "C3'"  . DG  A 1 1  ? 3.991   -21.856 6.251   1.00 0.00 ? 1  DG  A "C3'"  1 
ATOM   6   O "O3'"  . DG  A 1 1  ? 5.154   -21.329 6.858   1.00 0.00 ? 1  DG  A "O3'"  1 
ATOM   7   C "C2'"  . DG  A 1 1  ? 3.427   -20.865 5.212   1.00 0.00 ? 1  DG  A "C2'"  1 
ATOM   8   C "C1'"  . DG  A 1 1  ? 4.480   -21.010 4.103   1.00 0.00 ? 1  DG  A "C1'"  1 
ATOM   9   N N9     . DG  A 1 1  ? 4.214   -20.531 2.729   1.00 0.00 ? 1  DG  A N9     1 
ATOM   10  C C8     . DG  A 1 1  ? 3.211   -20.931 1.909   1.00 0.00 ? 1  DG  A C8     1 
ATOM   11  N N7     . DG  A 1 1  ? 3.372   -20.665 0.648   1.00 0.00 ? 1  DG  A N7     1 
ATOM   12  C C5     . DG  A 1 1  ? 4.593   -20.010 0.623   1.00 0.00 ? 1  DG  A C5     1 
ATOM   13  C C6     . DG  A 1 1  ? 5.348   -19.559 -0.497  1.00 0.00 ? 1  DG  A C6     1 
ATOM   14  O O6     . DG  A 1 1  ? 5.073   -19.694 -1.685  1.00 0.00 ? 1  DG  A O6     1 
ATOM   15  N N1     . DG  A 1 1  ? 6.525   -18.914 -0.124  1.00 0.00 ? 1  DG  A N1     1 
ATOM   16  C C2     . DG  A 1 1  ? 6.946   -18.763 1.185   1.00 0.00 ? 1  DG  A C2     1 
ATOM   17  N N2     . DG  A 1 1  ? 8.097   -18.106 1.370   1.00 0.00 ? 1  DG  A N2     1 
ATOM   18  N N3     . DG  A 1 1  ? 6.273   -19.262 2.237   1.00 0.00 ? 1  DG  A N3     1 
ATOM   19  C C4     . DG  A 1 1  ? 5.101   -19.872 1.894   1.00 0.00 ? 1  DG  A C4     1 
ATOM   20  H "H5'"  . DG  A 1 1  ? 3.945   -24.892 4.490   1.00 0.00 ? 1  DG  A "H5'"  1 
ATOM   21  H "H5''" . DG  A 1 1  ? 3.206   -24.635 6.077   1.00 0.00 ? 1  DG  A "H5''" 1 
ATOM   22  H "H4'"  . DG  A 1 1  ? 5.379   -23.430 5.774   1.00 0.00 ? 1  DG  A "H4'"  1 
ATOM   23  H "H3'"  . DG  A 1 1  ? 3.319   -22.200 7.055   1.00 0.00 ? 1  DG  A "H3'"  1 
ATOM   24  H "H2'"  . DG  A 1 1  ? 2.446   -21.185 4.865   1.00 0.00 ? 1  DG  A "H2'"  1 
ATOM   25  H "H2''" . DG  A 1 1  ? 3.375   -19.846 5.600   1.00 0.00 ? 1  DG  A "H2''" 1 
ATOM   26  H "H1'"  . DG  A 1 1  ? 5.297   -20.378 4.373   1.00 0.00 ? 1  DG  A "H1'"  1 
ATOM   27  H H8     . DG  A 1 1  ? 2.397   -21.474 2.309   1.00 0.00 ? 1  DG  A H8     1 
ATOM   28  H H1     . DG  A 1 1  ? 7.095   -18.531 -0.869  1.00 0.00 ? 1  DG  A H1     1 
ATOM   29  H H21    . DG  A 1 1  ? 8.614   -17.742 0.580   1.00 0.00 ? 1  DG  A H21    1 
ATOM   30  H H22    . DG  A 1 1  ? 8.444   -17.961 2.308   1.00 0.00 ? 1  DG  A H22    1 
ATOM   31  H "HO5'" . DG  A 1 1  ? 2.548   -23.311 3.653   1.00 0.00 ? 1  DG  A "HO5'" 1 
ATOM   32  P P      . DC  A 1 2  ? 5.110   -20.346 8.132   1.00 0.00 ? 2  DC  A P      1 
ATOM   33  O OP1    . DC  A 1 2  ? 5.852   -21.015 9.229   1.00 0.00 ? 2  DC  A OP1    1 
ATOM   34  O OP2    . DC  A 1 2  ? 3.717   -19.896 8.348   1.00 0.00 ? 2  DC  A OP2    1 
ATOM   35  O "O5'"  . DC  A 1 2  ? 5.979   -19.097 7.603   1.00 0.00 ? 2  DC  A "O5'"  1 
ATOM   36  C "C5'"  . DC  A 1 2  ? 7.348   -19.237 7.258   1.00 0.00 ? 2  DC  A "C5'"  1 
ATOM   37  C "C4'"  . DC  A 1 2  ? 7.840   -17.896 6.649   1.00 0.00 ? 2  DC  A "C4'"  1 
ATOM   38  O "O4'"  . DC  A 1 2  ? 7.202   -17.681 5.400   1.00 0.00 ? 2  DC  A "O4'"  1 
ATOM   39  C "C3'"  . DC  A 1 2  ? 7.585   -16.645 7.506   1.00 0.00 ? 2  DC  A "C3'"  1 
ATOM   40  O "O3'"  . DC  A 1 2  ? 8.771   -15.858 7.461   1.00 0.00 ? 2  DC  A "O3'"  1 
ATOM   41  C "C2'"  . DC  A 1 2  ? 6.466   -15.978 6.733   1.00 0.00 ? 2  DC  A "C2'"  1 
ATOM   42  C "C1'"  . DC  A 1 2  ? 6.871   -16.310 5.282   1.00 0.00 ? 2  DC  A "C1'"  1 
ATOM   43  N N1     . DC  A 1 2  ? 5.822   -16.181 4.234   1.00 0.00 ? 2  DC  A N1     1 
ATOM   44  C C2     . DC  A 1 2  ? 6.176   -15.709 2.961   1.00 0.00 ? 2  DC  A C2     1 
ATOM   45  O O2     . DC  A 1 2  ? 7.333   -15.425 2.657   1.00 0.00 ? 2  DC  A O2     1 
ATOM   46  N N3     . DC  A 1 2  ? 5.197   -15.587 2.024   1.00 0.00 ? 2  DC  A N3     1 
ATOM   47  C C4     . DC  A 1 2  ? 3.950   -16.003 2.262   1.00 0.00 ? 2  DC  A C4     1 
ATOM   48  N N4     . DC  A 1 2  ? 3.009   -15.833 1.328   1.00 0.00 ? 2  DC  A N4     1 
ATOM   49  C C5     . DC  A 1 2  ? 3.629   -16.686 3.473   1.00 0.00 ? 2  DC  A C5     1 
ATOM   50  C C6     . DC  A 1 2  ? 4.587   -16.743 4.428   1.00 0.00 ? 2  DC  A C6     1 
ATOM   51  H "H5'"  . DC  A 1 2  ? 7.421   -19.995 6.476   1.00 0.00 ? 2  DC  A "H5'"  1 
ATOM   52  H "H5''" . DC  A 1 2  ? 7.906   -19.605 8.144   1.00 0.00 ? 2  DC  A "H5''" 1 
ATOM   53  H "H4'"  . DC  A 1 2  ? 8.884   -17.877 6.352   1.00 0.00 ? 2  DC  A "H4'"  1 
ATOM   54  H "H3'"  . DC  A 1 2  ? 7.259   -16.903 8.522   1.00 0.00 ? 2  DC  A "H3'"  1 
ATOM   55  H "H2'"  . DC  A 1 2  ? 5.550   -16.439 7.090   1.00 0.00 ? 2  DC  A "H2'"  1 
ATOM   56  H "H2''" . DC  A 1 2  ? 6.423   -14.934 6.983   1.00 0.00 ? 2  DC  A "H2''" 1 
ATOM   57  H "H1'"  . DC  A 1 2  ? 7.734   -15.695 4.994   1.00 0.00 ? 2  DC  A "H1'"  1 
ATOM   58  H H41    . DC  A 1 2  ? 3.279   -15.491 0.416   1.00 0.00 ? 2  DC  A H41    1 
ATOM   59  H H42    . DC  A 1 2  ? 2.063   -16.143 1.494   1.00 0.00 ? 2  DC  A H42    1 
ATOM   60  H H5     . DC  A 1 2  ? 2.683   -17.171 3.597   1.00 0.00 ? 2  DC  A H5     1 
ATOM   61  H H6     . DC  A 1 2  ? 4.398   -17.263 5.353   1.00 0.00 ? 2  DC  A H6     1 
ATOM   62  P P      . DA  A 1 3  ? 8.956   -14.419 8.192   1.00 0.00 ? 3  DA  A P      1 
ATOM   63  O OP1    . DA  A 1 3  ? 10.293  -14.390 8.826   1.00 0.00 ? 3  DA  A OP1    1 
ATOM   64  O OP2    . DA  A 1 3  ? 7.757   -14.121 9.001   1.00 0.00 ? 3  DA  A OP2    1 
ATOM   65  O "O5'"  . DA  A 1 3  ? 8.984   -13.434 6.890   1.00 0.00 ? 3  DA  A "O5'"  1 
ATOM   66  C "C5'"  . DA  A 1 3  ? 10.076  -13.486 5.978   1.00 0.00 ? 3  DA  A "C5'"  1 
ATOM   67  C "C4'"  . DA  A 1 3  ? 9.736   -13.057 4.526   1.00 0.00 ? 3  DA  A "C4'"  1 
ATOM   68  O "O4'"  . DA  A 1 3  ? 8.376   -13.379 4.196   1.00 0.00 ? 3  DA  A "O4'"  1 
ATOM   69  C "C3'"  . DA  A 1 3  ? 9.957   -11.583 4.117   1.00 0.00 ? 3  DA  A "C3'"  1 
ATOM   70  O "O3'"  . DA  A 1 3  ? 10.583  -11.546 2.840   1.00 0.00 ? 3  DA  A "O3'"  1 
ATOM   71  C "C2'"  . DA  A 1 3  ? 8.506   -11.075 3.994   1.00 0.00 ? 3  DA  A "C2'"  1 
ATOM   72  C "C1'"  . DA  A 1 3  ? 7.776   -12.320 3.453   1.00 0.00 ? 3  DA  A "C1'"  1 
ATOM   73  N N9     . DA  A 1 3  ? 6.293   -12.319 3.404   1.00 0.00 ? 3  DA  A N9     1 
ATOM   74  C C8     . DA  A 1 3  ? 5.476   -12.404 4.464   1.00 0.00 ? 3  DA  A C8     1 
ATOM   75  N N7     . DA  A 1 3  ? 4.198   -12.437 4.225   1.00 0.00 ? 3  DA  A N7     1 
ATOM   76  C C5     . DA  A 1 3  ? 4.161   -12.445 2.838   1.00 0.00 ? 3  DA  A C5     1 
ATOM   77  C C6     . DA  A 1 3  ? 3.099   -12.538 1.912   1.00 0.00 ? 3  DA  A C6     1 
ATOM   78  N N6     . DA  A 1 3  ? 1.811   -12.549 2.274   1.00 0.00 ? 3  DA  A N6     1 
ATOM   79  N N1     . DA  A 1 3  ? 3.398   -12.672 0.608   1.00 0.00 ? 3  DA  A N1     1 
ATOM   80  C C2     . DA  A 1 3  ? 4.677   -12.679 0.249   1.00 0.00 ? 3  DA  A C2     1 
ATOM   81  N N3     . DA  A 1 3  ? 5.764   -12.544 1.005   1.00 0.00 ? 3  DA  A N3     1 
ATOM   82  C C4     . DA  A 1 3  ? 5.438   -12.429 2.321   1.00 0.00 ? 3  DA  A C4     1 
ATOM   83  H "H5'"  . DA  A 1 3  ? 10.357  -14.537 5.888   1.00 0.00 ? 3  DA  A "H5'"  1 
ATOM   84  H "H5''" . DA  A 1 3  ? 10.943  -12.961 6.401   1.00 0.00 ? 3  DA  A "H5''" 1 
ATOM   85  H "H4'"  . DA  A 1 3  ? 10.436  -13.665 3.937   1.00 0.00 ? 3  DA  A "H4'"  1 
ATOM   86  H "H3'"  . DA  A 1 3  ? 10.625  -11.042 4.809   1.00 0.00 ? 3  DA  A "H3'"  1 
ATOM   87  H "H2'"  . DA  A 1 3  ? 8.132   -10.837 4.992   1.00 0.00 ? 3  DA  A "H2'"  1 
ATOM   88  H "H2''" . DA  A 1 3  ? 8.429   -10.207 3.336   1.00 0.00 ? 3  DA  A "H2''" 1 
ATOM   89  H "H1'"  . DA  A 1 3  ? 7.907   -12.454 2.414   1.00 0.00 ? 3  DA  A "H1'"  1 
ATOM   90  H H8     . DA  A 1 3  ? 5.982   -12.449 5.376   1.00 0.00 ? 3  DA  A H8     1 
ATOM   91  H H61    . DA  A 1 3  ? 1.093   -12.607 1.564   1.00 0.00 ? 3  DA  A H61    1 
ATOM   92  H H62    . DA  A 1 3  ? 1.564   -12.473 3.250   1.00 0.00 ? 3  DA  A H62    1 
ATOM   93  H H2     . DA  A 1 3  ? 4.839   -12.862 -0.792  1.00 0.00 ? 3  DA  A H2     1 
ATOM   94  P P      . DC  A 1 4  ? 11.102  -10.161 2.164   1.00 0.00 ? 4  DC  A P      1 
ATOM   95  O OP1    . DC  A 1 4  ? 12.421  -10.424 1.549   1.00 0.00 ? 4  DC  A OP1    1 
ATOM   96  O OP2    . DC  A 1 4  ? 10.970  -9.076  3.160   1.00 0.00 ? 4  DC  A OP2    1 
ATOM   97  O "O5'"  . DC  A 1 4  ? 10.038  -9.863  0.977   1.00 0.00 ? 4  DC  A "O5'"  1 
ATOM   98  C "C5'"  . DC  A 1 4  ? 9.975   -10.666 -0.189  1.00 0.00 ? 4  DC  A "C5'"  1 
ATOM   99  C "C4'"  . DC  A 1 4  ? 8.856   -10.128 -1.137  1.00 0.00 ? 4  DC  A "C4'"  1 
ATOM   100 O "O4'"  . DC  A 1 4  ? 7.580   -10.234 -0.516  1.00 0.00 ? 4  DC  A "O4'"  1 
ATOM   101 C "C3'"  . DC  A 1 4  ? 8.994   -8.663  -1.597  1.00 0.00 ? 4  DC  A "C3'"  1 
ATOM   102 O "O3'"  . DC  A 1 4  ? 8.877   -8.592  -3.013  1.00 0.00 ? 4  DC  A "O3'"  1 
ATOM   103 C "C2'"  . DC  A 1 4  ? 7.798   -7.978  -0.938  1.00 0.00 ? 4  DC  A "C2'"  1 
ATOM   104 C "C1'"  . DC  A 1 4  ? 6.779   -9.120  -0.895  1.00 0.00 ? 4  DC  A "C1'"  1 
ATOM   105 N N1     . DC  A 1 4  ? 5.621   -8.927  0.008   1.00 0.00 ? 4  DC  A N1     1 
ATOM   106 C C2     . DC  A 1 4  ? 4.310   -8.872  -0.474  1.00 0.00 ? 4  DC  A C2     1 
ATOM   107 O O2     . DC  A 1 4  ? 4.061   -8.734  -1.670  1.00 0.00 ? 4  DC  A O2     1 
ATOM   108 N N3     . DC  A 1 4  ? 3.292   -8.978  0.430   1.00 0.00 ? 4  DC  A N3     1 
ATOM   109 C C4     . DC  A 1 4  ? 3.533   -9.139  1.741   1.00 0.00 ? 4  DC  A C4     1 
ATOM   110 N N4     . DC  A 1 4  ? 2.495   -9.264  2.575   1.00 0.00 ? 4  DC  A N4     1 
ATOM   111 C C5     . DC  A 1 4  ? 4.877   -9.207  2.245   1.00 0.00 ? 4  DC  A C5     1 
ATOM   112 C C6     . DC  A 1 4  ? 5.857   -9.086  1.325   1.00 0.00 ? 4  DC  A C6     1 
ATOM   113 H "H5'"  . DC  A 1 4  ? 9.687   -11.674 0.120   1.00 0.00 ? 4  DC  A "H5'"  1 
ATOM   114 H "H5''" . DC  A 1 4  ? 10.996  -10.731 -0.623  1.00 0.00 ? 4  DC  A "H5''" 1 
ATOM   115 H "H4'"  . DC  A 1 4  ? 8.749   -10.743 -2.027  1.00 0.00 ? 4  DC  A "H4'"  1 
ATOM   116 H "H3'"  . DC  A 1 4  ? 9.941   -8.229  -1.269  1.00 0.00 ? 4  DC  A "H3'"  1 
ATOM   117 H "H2'"  . DC  A 1 4  ? 8.110   -7.631  0.045   1.00 0.00 ? 4  DC  A "H2'"  1 
ATOM   118 H "H2''" . DC  A 1 4  ? 7.457   -7.125  -1.506  1.00 0.00 ? 4  DC  A "H2''" 1 
ATOM   119 H "H1'"  . DC  A 1 4  ? 6.345   -9.299  -1.852  1.00 0.00 ? 4  DC  A "H1'"  1 
ATOM   120 H H41    . DC  A 1 4  ? 1.557   -9.214  2.199   1.00 0.00 ? 4  DC  A H41    1 
ATOM   121 H H42    . DC  A 1 4  ? 2.645   -9.409  3.562   1.00 0.00 ? 4  DC  A H42    1 
ATOM   122 H H5     . DC  A 1 4  ? 5.150   -9.396  3.273   1.00 0.00 ? 4  DC  A H5     1 
ATOM   123 H H6     . DC  A 1 4  ? 6.894   -9.149  1.526   1.00 0.00 ? 4  DC  A H6     1 
ATOM   124 P P      . DG  A 1 5  ? 8.976   -7.196  -3.835  1.00 0.00 ? 5  DG  A P      1 
ATOM   125 O OP1    . DG  A 1 5  ? 9.660   -7.457  -5.121  1.00 0.00 ? 5  DG  A OP1    1 
ATOM   126 O OP2    . DG  A 1 5  ? 9.508   -6.150  -2.935  1.00 0.00 ? 5  DG  A OP2    1 
ATOM   127 O "O5'"  . DG  A 1 5  ? 7.428   -6.826  -4.173  1.00 0.00 ? 5  DG  A "O5'"  1 
ATOM   128 C "C5'"  . DG  A 1 5  ? 6.639   -7.677  -4.987  1.00 0.00 ? 5  DG  A "C5'"  1 
ATOM   129 C "C4'"  . DG  A 1 5  ? 5.360   -7.048  -5.579  1.00 0.00 ? 5  DG  A "C4'"  1 
ATOM   130 O "O4'"  . DG  A 1 5  ? 4.261   -7.062  -4.651  1.00 0.00 ? 5  DG  A "O4'"  1 
ATOM   131 C "C3'"  . DG  A 1 5  ? 5.537   -5.580  -6.004  1.00 0.00 ? 5  DG  A "C3'"  1 
ATOM   132 O "O3'"  . DG  A 1 5  ? 4.691   -5.322  -7.112  1.00 0.00 ? 5  DG  A "O3'"  1 
ATOM   133 C "C2'"  . DG  A 1 5  ? 5.026   -4.864  -4.729  1.00 0.00 ? 5  DG  A "C2'"  1 
ATOM   134 C "C1'"  . DG  A 1 5  ? 3.810   -5.728  -4.378  1.00 0.00 ? 5  DG  A "C1'"  1 
ATOM   135 N N9     . DG  A 1 5  ? 3.186   -5.555  -3.042  1.00 0.00 ? 5  DG  A N9     1 
ATOM   136 C C8     . DG  A 1 5  ? 3.797   -5.601  -1.833  1.00 0.00 ? 5  DG  A C8     1 
ATOM   137 N N7     . DG  A 1 5  ? 3.018   -5.550  -0.795  1.00 0.00 ? 5  DG  A N7     1 
ATOM   138 C C5     . DG  A 1 5  ? 1.760   -5.443  -1.362  1.00 0.00 ? 5  DG  A C5     1 
ATOM   139 C C6     . DG  A 1 5  ? 0.490   -5.395  -0.722  1.00 0.00 ? 5  DG  A C6     1 
ATOM   140 O O6     . DG  A 1 5  ? 0.259   -5.443  0.483   1.00 0.00 ? 5  DG  A O6     1 
ATOM   141 N N1     . DG  A 1 5  ? -0.561  -5.295  -1.627  1.00 0.00 ? 5  DG  A N1     1 
ATOM   142 C C2     . DG  A 1 5  ? -0.404  -5.251  -2.999  1.00 0.00 ? 5  DG  A C2     1 
ATOM   143 N N2     . DG  A 1 5  ? -1.523  -5.176  -3.727  1.00 0.00 ? 5  DG  A N2     1 
ATOM   144 N N3     . DG  A 1 5  ? 0.797   -5.309  -3.607  1.00 0.00 ? 5  DG  A N3     1 
ATOM   145 C C4     . DG  A 1 5  ? 1.843   -5.408  -2.736  1.00 0.00 ? 5  DG  A C4     1 
ATOM   146 H "H5'"  . DG  A 1 5  ? 6.373   -8.571  -4.420  1.00 0.00 ? 5  DG  A "H5'"  1 
ATOM   147 H "H5''" . DG  A 1 5  ? 7.254   -7.978  -5.837  1.00 0.00 ? 5  DG  A "H5''" 1 
ATOM   148 H "H4'"  . DG  A 1 5  ? 5.177   -7.697  -6.453  1.00 0.00 ? 5  DG  A "H4'"  1 
ATOM   149 H "H3'"  . DG  A 1 5  ? 6.565   -5.365  -6.345  1.00 0.00 ? 5  DG  A "H3'"  1 
ATOM   150 H "H2'"  . DG  A 1 5  ? 5.764   -4.915  -3.931  1.00 0.00 ? 5  DG  A "H2'"  1 
ATOM   151 H "H2''" . DG  A 1 5  ? 4.740   -3.827  -4.872  1.00 0.00 ? 5  DG  A "H2''" 1 
ATOM   152 H "H1'"  . DG  A 1 5  ? 2.994   -5.402  -4.995  1.00 0.00 ? 5  DG  A "H1'"  1 
ATOM   153 H H8     . DG  A 1 5  ? 4.844   -5.695  -1.791  1.00 0.00 ? 5  DG  A H8     1 
ATOM   154 H H1     . DG  A 1 5  ? -1.494  -5.257  -1.232  1.00 0.00 ? 5  DG  A H1     1 
ATOM   155 H H21    . DG  A 1 5  ? -2.426  -5.165  -3.268  1.00 0.00 ? 5  DG  A H21    1 
ATOM   156 H H22    . DG  A 1 5  ? -1.465  -5.152  -4.734  1.00 0.00 ? 5  DG  A H22    1 
ATOM   157 P P      . DA  A 1 6  ? 4.767   -3.936  -7.944  1.00 0.00 ? 6  DA  A P      1 
ATOM   158 O OP1    . DA  A 1 6  ? 4.721   -4.264  -9.387  1.00 0.00 ? 6  DA  A OP1    1 
ATOM   159 O OP2    . DA  A 1 6  ? 5.892   -3.132  -7.416  1.00 0.00 ? 6  DA  A OP2    1 
ATOM   160 O "O5'"  . DA  A 1 6  ? 3.390   -3.192  -7.543  1.00 0.00 ? 6  DA  A "O5'"  1 
ATOM   161 C "C5'"  . DA  A 1 6  ? 2.141   -3.641  -8.036  1.00 0.00 ? 6  DA  A "C5'"  1 
ATOM   162 C "C4'"  . DA  A 1 6  ? 1.007   -2.814  -7.343  1.00 0.00 ? 6  DA  A "C4'"  1 
ATOM   163 O "O4'"  . DA  A 1 6  ? 0.997   -2.996  -5.928  1.00 0.00 ? 6  DA  A "O4'"  1 
ATOM   164 C "C3'"  . DA  A 1 6  ? 1.010   -1.293  -7.608  1.00 0.00 ? 6  DA  A "C3'"  1 
ATOM   165 O "O3'"  . DA  A 1 6  ? -0.248  -0.970  -8.182  1.00 0.00 ? 6  DA  A "O3'"  1 
ATOM   166 C "C2'"  . DA  A 1 6  ? 1.123   -0.747  -6.169  1.00 0.00 ? 6  DA  A "C2'"  1 
ATOM   167 C "C1'"  . DA  A 1 6  ? 0.420   -1.838  -5.341  1.00 0.00 ? 6  DA  A "C1'"  1 
ATOM   168 N N9     . DA  A 1 6  ? 0.533   -1.836  -3.861  1.00 0.00 ? 6  DA  A N9     1 
ATOM   169 C C8     . DA  A 1 6  ? 1.664   -2.016  -3.134  1.00 0.00 ? 6  DA  A C8     1 
ATOM   170 N N7     . DA  A 1 6  ? 1.507   -2.118  -1.847  1.00 0.00 ? 6  DA  A N7     1 
ATOM   171 C C5     . DA  A 1 6  ? 0.131   -2.059  -1.703  1.00 0.00 ? 6  DA  A C5     1 
ATOM   172 C C6     . DA  A 1 6  ? -0.703  -2.210  -0.578  1.00 0.00 ? 6  DA  A C6     1 
ATOM   173 N N6     . DA  A 1 6  ? -0.208  -2.367  0.655   1.00 0.00 ? 6  DA  A N6     1 
ATOM   174 N N1     . DA  A 1 6  ? -2.037  -2.242  -0.764  1.00 0.00 ? 6  DA  A N1     1 
ATOM   175 C C2     . DA  A 1 6  ? -2.515  -2.114  -2.000  1.00 0.00 ? 6  DA  A C2     1 
ATOM   176 N N3     . DA  A 1 6  ? -1.835  -1.940  -3.137  1.00 0.00 ? 6  DA  A N3     1 
ATOM   177 C C4     . DA  A 1 6  ? -0.487  -1.925  -2.924  1.00 0.00 ? 6  DA  A C4     1 
ATOM   178 H "H5'"  . DA  A 1 6  ? 2.013   -4.683  -7.738  1.00 0.00 ? 6  DA  A "H5'"  1 
ATOM   179 H "H5''" . DA  A 1 6  ? 2.201   -3.630  -9.151  1.00 0.00 ? 6  DA  A "H5''" 1 
ATOM   180 H "H4'"  . DA  A 1 6  ? 0.004   -3.169  -7.581  1.00 0.00 ? 6  DA  A "H4'"  1 
ATOM   181 H "H3'"  . DA  A 1 6  ? 1.778   -0.965  -8.326  1.00 0.00 ? 6  DA  A "H3'"  1 
ATOM   182 H "H2'"  . DA  A 1 6  ? 2.160   -0.665  -5.864  1.00 0.00 ? 6  DA  A "H2'"  1 
ATOM   183 H "H2''" . DA  A 1 6  ? 0.680   0.232   -6.103  1.00 0.00 ? 6  DA  A "H2''" 1 
ATOM   184 H "H1'"  . DA  A 1 6  ? -0.644  -1.776  -5.466  1.00 0.00 ? 6  DA  A "H1'"  1 
ATOM   185 H H8     . DA  A 1 6  ? 2.587   -2.104  -3.638  1.00 0.00 ? 6  DA  A H8     1 
ATOM   186 H H61    . DA  A 1 6  ? -0.817  -2.495  1.449   1.00 0.00 ? 6  DA  A H61    1 
ATOM   187 H H62    . DA  A 1 6  ? 0.793   -2.375  0.783   1.00 0.00 ? 6  DA  A H62    1 
ATOM   188 H H2     . DA  A 1 6  ? -3.595  -2.156  -2.081  1.00 0.00 ? 6  DA  A H2     1 
ATOM   189 P P      . DA  A 1 7  ? -0.698  0.518   -8.644  1.00 0.00 ? 7  DA  A P      1 
ATOM   190 O OP1    . DA  A 1 7  ? -1.083  0.470   -10.073 1.00 0.00 ? 7  DA  A OP1    1 
ATOM   191 O OP2    . DA  A 1 7  ? 0.299   1.514   -8.195  1.00 0.00 ? 7  DA  A OP2    1 
ATOM   192 O "O5'"  . DA  A 1 7  ? -2.044  0.710   -7.770  1.00 0.00 ? 7  DA  A "O5'"  1 
ATOM   193 C "C5'"  . DA  A 1 7  ? -3.081  -0.249  -7.867  1.00 0.00 ? 7  DA  A "C5'"  1 
ATOM   194 C "C4'"  . DA  A 1 7  ? -4.176  -0.077  -6.806  1.00 0.00 ? 7  DA  A "C4'"  1 
ATOM   195 O "O4'"  . DA  A 1 7  ? -3.567  -0.072  -5.524  1.00 0.00 ? 7  DA  A "O4'"  1 
ATOM   196 C "C3'"  . DA  A 1 7  ? -5.078  1.169   -6.890  1.00 0.00 ? 7  DA  A "C3'"  1 
ATOM   197 O "O3'"  . DA  A 1 7  ? -6.365  0.710   -6.518  1.00 0.00 ? 7  DA  A "O3'"  1 
ATOM   198 C "C2'"  . DA  A 1 7  ? -4.458  2.122   -5.834  1.00 0.00 ? 7  DA  A "C2'"  1 
ATOM   199 C "C1'"  . DA  A 1 7  ? -3.958  1.091   -4.814  1.00 0.00 ? 7  DA  A "C1'"  1 
ATOM   200 N N9     . DA  A 1 7  ? -2.957  1.449   -3.791  1.00 0.00 ? 7  DA  A N9     1 
ATOM   201 C C8     . DA  A 1 7  ? -1.636  1.700   -3.971  1.00 0.00 ? 7  DA  A C8     1 
ATOM   202 N N7     . DA  A 1 7  ? -0.899  1.676   -2.897  1.00 0.00 ? 7  DA  A N7     1 
ATOM   203 C C5     . DA  A 1 7  ? -1.815  1.349   -1.910  1.00 0.00 ? 7  DA  A C5     1 
ATOM   204 C C6     . DA  A 1 7  ? -1.680  1.056   -0.540  1.00 0.00 ? 7  DA  A C6     1 
ATOM   205 N N6     . DA  A 1 7  ? -0.495  1.061   0.080   1.00 0.00 ? 7  DA  A N6     1 
ATOM   206 N N1     . DA  A 1 7  ? -2.778  0.695   0.148   1.00 0.00 ? 7  DA  A N1     1 
ATOM   207 C C2     . DA  A 1 7  ? -3.942  0.608   -0.493  1.00 0.00 ? 7  DA  A C2     1 
ATOM   208 N N3     . DA  A 1 7  ? -4.193  0.828   -1.776  1.00 0.00 ? 7  DA  A N3     1 
ATOM   209 C C4     . DA  A 1 7  ? -3.072  1.207   -2.443  1.00 0.00 ? 7  DA  A C4     1 
ATOM   210 H "H5'"  . DA  A 1 7  ? -2.644  -1.231  -7.661  1.00 0.00 ? 7  DA  A "H5'"  1 
ATOM   211 H "H5''" . DA  A 1 7  ? -3.497  -0.255  -8.881  1.00 0.00 ? 7  DA  A "H5''" 1 
ATOM   212 H "H4'"  . DA  A 1 7  ? -4.793  -0.976  -6.920  1.00 0.00 ? 7  DA  A "H4'"  1 
ATOM   213 H "H3'"  . DA  A 1 7  ? -5.161  1.555   -7.914  1.00 0.00 ? 7  DA  A "H3'"  1 
ATOM   214 H "H2'"  . DA  A 1 7  ? -3.609  2.645   -6.274  1.00 0.00 ? 7  DA  A "H2'"  1 
ATOM   215 H "H2''" . DA  A 1 7  ? -5.166  2.842   -5.377  1.00 0.00 ? 7  DA  A "H2''" 1 
ATOM   216 H "H1'"  . DA  A 1 7  ? -4.785  0.872   -4.192  1.00 0.00 ? 7  DA  A "H1'"  1 
ATOM   217 H H8     . DA  A 1 7  ? -1.277  1.849   -4.950  1.00 0.00 ? 7  DA  A H8     1 
ATOM   218 H H61    . DA  A 1 7  ? -0.429  0.808   1.055   1.00 0.00 ? 7  DA  A H61    1 
ATOM   219 H H62    . DA  A 1 7  ? 0.335   1.305   -0.440  1.00 0.00 ? 7  DA  A H62    1 
ATOM   220 H H2     . DA  A 1 7  ? -4.800  0.317   0.087   1.00 0.00 ? 7  DA  A H2     1 
HETATM 221 P P      . TTD A 1 8  ? -7.718  1.544   -6.813  1.00 0.00 ? 9  TTD A P      1 
HETATM 222 O OP1    . TTD A 1 8  ? -8.704  0.652   -7.458  1.00 0.00 ? 9  TTD A OP1    1 
HETATM 223 O OP2    . TTD A 1 8  ? -7.367  2.832   -7.446  1.00 0.00 ? 9  TTD A OP2    1 
HETATM 224 O "O5'"  . TTD A 1 8  ? -8.220  1.852   -5.323  1.00 0.00 ? 9  TTD A "O5'"  1 
HETATM 225 C "C5'"  . TTD A 1 8  ? -8.565  0.832   -4.404  1.00 0.00 ? 9  TTD A "C5'"  1 
HETATM 226 C C4R    . TTD A 1 8  ? -8.684  1.440   -3.024  1.00 0.00 ? 9  TTD A C4R    1 
HETATM 227 O "O4'"  . TTD A 1 8  ? -7.441  1.965   -2.625  1.00 0.00 ? 9  TTD A "O4'"  1 
HETATM 228 C C3R    . TTD A 1 8  ? -9.705  2.584   -3.108  1.00 0.00 ? 9  TTD A C3R    1 
HETATM 229 O O3R    . TTD A 1 8  ? -10.636 2.420   -2.067  1.00 0.00 ? 9  TTD A O3R    1 
HETATM 230 C "C2'"  . TTD A 1 8  ? -8.800  3.819   -3.068  1.00 0.00 ? 9  TTD A "C2'"  1 
HETATM 231 C "C1'"  . TTD A 1 8  ? -7.668  3.275   -2.165  1.00 0.00 ? 9  TTD A "C1'"  1 
HETATM 232 N N1     . TTD A 1 8  ? -6.305  3.935   -2.073  1.00 0.00 ? 9  TTD A N1     1 
HETATM 233 C C2     . TTD A 1 8  ? -5.519  3.536   -1.002  1.00 0.00 ? 9  TTD A C2     1 
HETATM 234 O O2     . TTD A 1 8  ? -5.933  2.836   -0.082  1.00 0.00 ? 9  TTD A O2     1 
HETATM 235 N N3     . TTD A 1 8  ? -4.219  3.999   -1.013  1.00 0.00 ? 9  TTD A N3     1 
HETATM 236 C C4     . TTD A 1 8  ? -3.645  4.859   -1.937  1.00 0.00 ? 9  TTD A C4     1 
HETATM 237 O O4     . TTD A 1 8  ? -2.452  5.127   -1.808  1.00 0.00 ? 9  TTD A O4     1 
HETATM 238 C C5     . TTD A 1 8  ? -4.508  5.375   -3.020  1.00 0.00 ? 9  TTD A C5     1 
HETATM 239 C C5A    . TTD A 1 8  ? -3.524  5.316   -4.262  1.00 0.00 ? 9  TTD A C5A    1 
HETATM 240 C C6     . TTD A 1 8  ? -5.846  4.918   -2.946  1.00 0.00 ? 9  TTD A C6     1 
HETATM 241 P PB     . TTD A 1 8  ? -11.985 3.284   -2.011  1.00 0.00 ? 9  TTD A PB     1 
HETATM 242 O O5P    . TTD A 1 8  ? -12.885 2.643   -1.025  1.00 0.00 ? 9  TTD A O5P    1 
HETATM 243 O O4P    . TTD A 1 8  ? -12.468 3.548   -3.384  1.00 0.00 ? 9  TTD A O4P    1 
HETATM 244 O O5R    . TTD A 1 8  ? -11.379 4.622   -1.397  1.00 0.00 ? 9  TTD A O5R    1 
HETATM 245 C C5R    . TTD A 1 8  ? -10.893 4.614   -0.079  1.00 0.00 ? 9  TTD A C5R    1 
HETATM 246 O O4R    . TTD A 1 8  ? -8.488  5.250   -0.370  1.00 0.00 ? 9  TTD A O4R    1 
HETATM 247 C C2R    . TTD A 1 8  ? -8.923  7.296   -1.253  1.00 0.00 ? 9  TTD A C2R    1 
HETATM 248 C C1R    . TTD A 1 8  ? -7.830  6.467   -0.574  1.00 0.00 ? 9  TTD A C1R    1 
HETATM 249 N N1T    . TTD A 1 8  ? -6.427  6.357   -1.080  1.00 0.00 ? 9  TTD A N1T    1 
HETATM 250 C C2T    . TTD A 1 8  ? -5.434  6.723   -0.150  1.00 0.00 ? 9  TTD A C2T    1 
HETATM 251 O O2T    . TTD A 1 8  ? -5.528  6.547   1.065   1.00 0.00 ? 9  TTD A O2T    1 
HETATM 252 N N3T    . TTD A 1 8  ? -4.332  7.356   -0.676  1.00 0.00 ? 9  TTD A N3T    1 
HETATM 253 C C4T    . TTD A 1 8  ? -4.147  7.523   -2.031  1.00 0.00 ? 9  TTD A C4T    1 
HETATM 254 O O4T    . TTD A 1 8  ? -3.301  8.324   -2.423  1.00 0.00 ? 9  TTD A O4T    1 
HETATM 255 C C5T    . TTD A 1 8  ? -4.982  6.679   -2.900  1.00 0.00 ? 9  TTD A C5T    1 
HETATM 256 C C5M    . TTD A 1 8  ? -5.178  7.468   -4.215  1.00 0.00 ? 9  TTD A C5M    1 
HETATM 257 C C6T    . TTD A 1 8  ? -6.172  6.174   -2.438  1.00 0.00 ? 9  TTD A C6T    1 
HETATM 258 C "C4'"  . TTD A 1 8  ? -9.753  5.566   0.159   1.00 0.00 ? 9  TTD A "C4'"  1 
HETATM 259 C "C3'"  . TTD A 1 8  ? -10.092 7.014   -0.280  1.00 0.00 ? 9  TTD A "C3'"  1 
HETATM 260 O "O3'"  . TTD A 1 8  ? -9.986  7.957   0.774   1.00 0.00 ? 9  TTD A "O3'"  1 
HETATM 261 H "H5'"  . TTD A 1 8  ? -7.765  0.057   -4.437  1.00 0.00 ? 9  TTD A "H5'"  1 
HETATM 262 H "H5''" . TTD A 1 8  ? -9.626  0.515   -4.492  1.00 0.00 ? 9  TTD A "H5''" 1 
HETATM 263 H H4R    . TTD A 1 8  ? -9.008  0.663   -2.326  1.00 0.00 ? 9  TTD A H4R    1 
HETATM 264 H H3R    . TTD A 1 8  ? -10.259 2.565   -4.050  1.00 0.00 ? 9  TTD A H3R    1 
HETATM 265 H "H2'"  . TTD A 1 8  ? -8.560  3.846   -4.138  1.00 0.00 ? 9  TTD A "H2'"  1 
HETATM 266 H "H2''" . TTD A 1 8  ? -9.272  4.762   -2.705  1.00 0.00 ? 9  TTD A "H2''" 1 
HETATM 267 H "H1'"  . TTD A 1 8  ? -8.173  3.194   -1.187  1.00 0.00 ? 9  TTD A "H1'"  1 
HETATM 268 H HN3    . TTD A 1 8  ? -3.636  3.715   -0.238  1.00 0.00 ? 9  TTD A HN3    1 
HETATM 269 H H5A1   . TTD A 1 8  ? -4.074  5.385   -5.201  1.00 0.00 ? 9  TTD A H5A1   1 
HETATM 270 H H5A2   . TTD A 1 8  ? -2.766  6.100   -4.220  1.00 0.00 ? 9  TTD A H5A2   1 
HETATM 271 H H5A3   . TTD A 1 8  ? -3.010  4.354   -4.279  1.00 0.00 ? 9  TTD A H5A3   1 
HETATM 272 H H6     . TTD A 1 8  ? -6.340  4.574   -3.895  1.00 0.00 ? 9  TTD A H6     1 
HETATM 273 H H5R1   . TTD A 1 8  ? -11.713 4.843   0.599   1.00 0.00 ? 9  TTD A H5R1   1 
HETATM 274 H H5R2   . TTD A 1 8  ? -10.437 3.684   0.223   1.00 0.00 ? 9  TTD A H5R2   1 
HETATM 275 H H2R1   . TTD A 1 8  ? -8.663  8.354   -1.312  1.00 0.00 ? 9  TTD A H2R1   1 
HETATM 276 H H2R2   . TTD A 1 8  ? -9.160  6.908   -2.244  1.00 0.00 ? 9  TTD A H2R2   1 
HETATM 277 H H1R    . TTD A 1 8  ? -7.696  6.971   0.350   1.00 0.00 ? 9  TTD A H1R    1 
HETATM 278 H HT     . TTD A 1 8  ? -3.619  7.723   -0.047  1.00 0.00 ? 9  TTD A HT     1 
HETATM 279 H H71    . TTD A 1 8  ? -4.236  7.756   -4.682  1.00 0.00 ? 9  TTD A H71    1 
HETATM 280 H H72    . TTD A 1 8  ? -5.768  6.899   -4.936  1.00 0.00 ? 9  TTD A H72    1 
HETATM 281 H H73    . TTD A 1 8  ? -5.727  8.385   -3.993  1.00 0.00 ? 9  TTD A H73    1 
HETATM 282 H H6T    . TTD A 1 8  ? -7.132  6.530   -2.787  1.00 0.00 ? 9  TTD A H6T    1 
HETATM 283 H "H4'"  . TTD A 1 8  ? -9.573  5.248   1.180   1.00 0.00 ? 9  TTD A "H4'"  1 
HETATM 284 H H1     . TTD A 1 8  ? -11.074 7.079   -0.782  1.00 0.00 ? 9  TTD A H1     1 
ATOM   285 P P      . DA  A 1 9  ? -11.041 8.060   1.999   1.00 0.00 ? 10 DA  A P      1 
ATOM   286 O OP1    . DA  A 1 9  ? -11.424 6.699   2.429   1.00 0.00 ? 10 DA  A OP1    1 
ATOM   287 O OP2    . DA  A 1 9  ? -12.087 9.047   1.663   1.00 0.00 ? 10 DA  A OP2    1 
ATOM   288 O "O5'"  . DA  A 1 9  ? -10.069 8.693   3.123   1.00 0.00 ? 10 DA  A "O5'"  1 
ATOM   289 C "C5'"  . DA  A 1 9  ? -9.189  7.866   3.856   1.00 0.00 ? 10 DA  A "C5'"  1 
ATOM   290 C "C4'"  . DA  A 1 9  ? -8.078  8.651   4.577   1.00 0.00 ? 10 DA  A "C4'"  1 
ATOM   291 O "O4'"  . DA  A 1 9  ? -7.027  8.954   3.650   1.00 0.00 ? 10 DA  A "O4'"  1 
ATOM   292 C "C3'"  . DA  A 1 9  ? -8.526  9.983   5.211   1.00 0.00 ? 10 DA  A "C3'"  1 
ATOM   293 O "O3'"  . DA  A 1 9  ? -7.735  10.191  6.364   1.00 0.00 ? 10 DA  A "O3'"  1 
ATOM   294 C "C2'"  . DA  A 1 9  ? -8.142  10.976  4.089   1.00 0.00 ? 10 DA  A "C2'"  1 
ATOM   295 C "C1'"  . DA  A 1 9  ? -6.835  10.362  3.568   1.00 0.00 ? 10 DA  A "C1'"  1 
ATOM   296 N N9     . DA  A 1 9  ? -6.302  10.818  2.259   1.00 0.00 ? 10 DA  A N9     1 
ATOM   297 C C8     . DA  A 1 9  ? -6.921  10.781  1.052   1.00 0.00 ? 10 DA  A C8     1 
ATOM   298 N N7     . DA  A 1 9  ? -6.231  11.215  0.040   1.00 0.00 ? 10 DA  A N7     1 
ATOM   299 C C5     . DA  A 1 9  ? -5.022  11.560  0.620   1.00 0.00 ? 10 DA  A C5     1 
ATOM   300 C C6     . DA  A 1 9  ? -3.833  12.095  0.085   1.00 0.00 ? 10 DA  A C6     1 
ATOM   301 N N6     . DA  A 1 9  ? -3.719  12.433  -1.204  1.00 0.00 ? 10 DA  A N6     1 
ATOM   302 N N1     . DA  A 1 9  ? -2.791  12.302  0.912   1.00 0.00 ? 10 DA  A N1     1 
ATOM   303 C C2     . DA  A 1 9  ? -2.939  12.001  2.201   1.00 0.00 ? 10 DA  A C2     1 
ATOM   304 N N3     . DA  A 1 9  ? -4.003  11.509  2.832   1.00 0.00 ? 10 DA  A N3     1 
ATOM   305 C C4     . DA  A 1 9  ? -5.038  11.304  1.972   1.00 0.00 ? 10 DA  A C4     1 
ATOM   306 H "H5'"  . DA  A 1 9  ? -8.715  7.148   3.179   1.00 0.00 ? 10 DA  A "H5'"  1 
ATOM   307 H "H5''" . DA  A 1 9  ? -9.782  7.312   4.588   1.00 0.00 ? 10 DA  A "H5''" 1 
ATOM   308 H "H4'"  . DA  A 1 9  ? -7.720  7.963   5.353   1.00 0.00 ? 10 DA  A "H4'"  1 
ATOM   309 H "H3'"  . DA  A 1 9  ? -9.573  9.978   5.562   1.00 0.00 ? 10 DA  A "H3'"  1 
ATOM   310 H "H2'"  . DA  A 1 9  ? -8.897  10.982  3.307   1.00 0.00 ? 10 DA  A "H2'"  1 
ATOM   311 H "H2''" . DA  A 1 9  ? -7.988  11.993  4.449   1.00 0.00 ? 10 DA  A "H2''" 1 
ATOM   312 H "H1'"  . DA  A 1 9  ? -6.049  10.687  4.211   1.00 0.00 ? 10 DA  A "H1'"  1 
ATOM   313 H H8     . DA  A 1 9  ? -7.903  10.409  0.995   1.00 0.00 ? 10 DA  A H8     1 
ATOM   314 H H61    . DA  A 1 9  ? -2.857  12.840  -1.543  1.00 0.00 ? 10 DA  A H61    1 
ATOM   315 H H62    . DA  A 1 9  ? -4.497  12.288  -1.829  1.00 0.00 ? 10 DA  A H62    1 
ATOM   316 H H2     . DA  A 1 9  ? -2.090  12.234  2.818   1.00 0.00 ? 10 DA  A H2     1 
ATOM   317 P P      . DA  A 1 10 ? -7.963  11.434  7.387   1.00 0.00 ? 11 DA  A P      1 
ATOM   318 O OP1    . DA  A 1 10 ? -8.142  10.893  8.749   1.00 0.00 ? 11 DA  A OP1    1 
ATOM   319 O OP2    . DA  A 1 10 ? -8.955  12.380  6.834   1.00 0.00 ? 11 DA  A OP2    1 
ATOM   320 O "O5'"  . DA  A 1 10 ? -6.532  12.151  7.325   1.00 0.00 ? 11 DA  A "O5'"  1 
ATOM   321 C "C5'"  . DA  A 1 10 ? -5.361  11.457  7.693   1.00 0.00 ? 11 DA  A "C5'"  1 
ATOM   322 C "C4'"  . DA  A 1 10 ? -4.139  12.358  7.449   1.00 0.00 ? 11 DA  A "C4'"  1 
ATOM   323 O "O4'"  . DA  A 1 10 ? -4.049  12.670  6.057   1.00 0.00 ? 11 DA  A "O4'"  1 
ATOM   324 C "C3'"  . DA  A 1 10 ? -4.169  13.686  8.222   1.00 0.00 ? 11 DA  A "C3'"  1 
ATOM   325 O "O3'"  . DA  A 1 10 ? -2.855  13.937  8.683   1.00 0.00 ? 11 DA  A "O3'"  1 
ATOM   326 C "C2'"  . DA  A 1 10 ? -4.600  14.683  7.126   1.00 0.00 ? 11 DA  A "C2'"  1 
ATOM   327 C "C1'"  . DA  A 1 10 ? -3.931  14.075  5.886   1.00 0.00 ? 11 DA  A "C1'"  1 
ATOM   328 N N9     . DA  A 1 10 ? -4.367  14.521  4.539   1.00 0.00 ? 11 DA  A N9     1 
ATOM   329 C C8     . DA  A 1 10 ? -5.616  14.522  3.985   1.00 0.00 ? 11 DA  A C8     1 
ATOM   330 N N7     . DA  A 1 10 ? -5.672  14.855  2.727   1.00 0.00 ? 11 DA  A N7     1 
ATOM   331 C C5     . DA  A 1 10 ? -4.342  15.065  2.399   1.00 0.00 ? 11 DA  A C5     1 
ATOM   332 C C6     . DA  A 1 10 ? -3.691  15.361  1.184   1.00 0.00 ? 11 DA  A C6     1 
ATOM   333 N N6     . DA  A 1 10 ? -4.352  15.522  0.033   1.00 0.00 ? 11 DA  A N6     1 
ATOM   334 N N1     . DA  A 1 10 ? -2.347  15.430  1.173   1.00 0.00 ? 11 DA  A N1     1 
ATOM   335 C C2     . DA  A 1 10 ? -1.688  15.212  2.307   1.00 0.00 ? 11 DA  A C2     1 
ATOM   336 N N3     . DA  A 1 10 ? -2.176  14.925  3.509   1.00 0.00 ? 11 DA  A N3     1 
ATOM   337 C C4     . DA  A 1 10 ? -3.536  14.863  3.493   1.00 0.00 ? 11 DA  A C4     1 
ATOM   338 H "H5'"  . DA  A 1 10 ? -5.249  10.580  7.053   1.00 0.00 ? 11 DA  A "H5'"  1 
ATOM   339 H "H5''" . DA  A 1 10 ? -5.449  11.103  8.734   1.00 0.00 ? 11 DA  A "H5''" 1 
ATOM   340 H "H4'"  . DA  A 1 10 ? -3.260  11.783  7.740   1.00 0.00 ? 11 DA  A "H4'"  1 
ATOM   341 H "H3'"  . DA  A 1 10 ? -4.809  13.634  9.115   1.00 0.00 ? 11 DA  A "H3'"  1 
ATOM   342 H "H2'"  . DA  A 1 10 ? -5.685  14.663  7.042   1.00 0.00 ? 11 DA  A "H2'"  1 
ATOM   343 H "H2''" . DA  A 1 10 ? -4.262  15.709  7.292   1.00 0.00 ? 11 DA  A "H2''" 1 
ATOM   344 H "H1'"  . DA  A 1 10 ? -2.899  14.382  5.893   1.00 0.00 ? 11 DA  A "H1'"  1 
ATOM   345 H H8     . DA  A 1 10 ? -6.471  14.244  4.549   1.00 0.00 ? 11 DA  A H8     1 
ATOM   346 H H61    . DA  A 1 10 ? -3.832  15.649  -0.825  1.00 0.00 ? 11 DA  A H61    1 
ATOM   347 H H62    . DA  A 1 10 ? -5.358  15.450  0.017   1.00 0.00 ? 11 DA  A H62    1 
ATOM   348 H H2     . DA  A 1 10 ? -0.618  15.245  2.235   1.00 0.00 ? 11 DA  A H2     1 
ATOM   349 P P      . DG  A 1 11 ? -2.500  15.179  9.653   1.00 0.00 ? 12 DG  A P      1 
ATOM   350 O OP1    . DG  A 1 11 ? -1.531  14.703  10.670  1.00 0.00 ? 12 DG  A OP1    1 
ATOM   351 O OP2    . DG  A 1 11 ? -3.743  15.844  10.086  1.00 0.00 ? 12 DG  A OP2    1 
ATOM   352 O "O5'"  . DG  A 1 11 ? -1.720  16.159  8.640   1.00 0.00 ? 12 DG  A "O5'"  1 
ATOM   353 C "C5'"  . DG  A 1 11 ? -0.446  15.813  8.131   1.00 0.00 ? 12 DG  A "C5'"  1 
ATOM   354 C "C4'"  . DG  A 1 11 ? -0.068  16.830  7.008   1.00 0.00 ? 12 DG  A "C4'"  1 
ATOM   355 O "O4'"  . DG  A 1 11 ? -0.973  16.774  5.917   1.00 0.00 ? 12 DG  A "O4'"  1 
ATOM   356 C "C3'"  . DG  A 1 11 ? -0.023  18.304  7.445   1.00 0.00 ? 12 DG  A "C3'"  1 
ATOM   357 O "O3'"  . DG  A 1 11 ? 1.301   18.797  7.375   1.00 0.00 ? 12 DG  A "O3'"  1 
ATOM   358 C "C2'"  . DG  A 1 11 ? -0.895  19.020  6.410   1.00 0.00 ? 12 DG  A "C2'"  1 
ATOM   359 C "C1'"  . DG  A 1 11 ? -0.921  18.026  5.251   1.00 0.00 ? 12 DG  A "C1'"  1 
ATOM   360 N N9     . DG  A 1 11 ? -2.075  18.192  4.359   1.00 0.00 ? 12 DG  A N9     1 
ATOM   361 C C8     . DG  A 1 11 ? -3.376  18.033  4.700   1.00 0.00 ? 12 DG  A C8     1 
ATOM   362 N N7     . DG  A 1 11 ? -4.219  18.169  3.716   1.00 0.00 ? 12 DG  A N7     1 
ATOM   363 C C5     . DG  A 1 11 ? -3.396  18.428  2.622   1.00 0.00 ? 12 DG  A C5     1 
ATOM   364 C C6     . DG  A 1 11 ? -3.724  18.634  1.247   1.00 0.00 ? 12 DG  A C6     1 
ATOM   365 O O6     . DG  A 1 11 ? -4.838  18.661  0.732   1.00 0.00 ? 12 DG  A O6     1 
ATOM   366 N N1     . DG  A 1 11 ? -2.594  18.798  0.445   1.00 0.00 ? 12 DG  A N1     1 
ATOM   367 C C2     . DG  A 1 11 ? -1.294  18.768  0.914   1.00 0.00 ? 12 DG  A C2     1 
ATOM   368 N N2     . DG  A 1 11 ? -0.320  18.926  0.011   1.00 0.00 ? 12 DG  A N2     1 
ATOM   369 N N3     . DG  A 1 11 ? -0.983  18.585  2.206   1.00 0.00 ? 12 DG  A N3     1 
ATOM   370 C C4     . DG  A 1 11 ? -2.074  18.423  3.005   1.00 0.00 ? 12 DG  A C4     1 
ATOM   371 H "H5'"  . DG  A 1 11 ? -0.521  14.819  7.681   1.00 0.00 ? 12 DG  A "H5'"  1 
ATOM   372 H "H5''" . DG  A 1 11 ? 0.240   15.727  9.003   1.00 0.00 ? 12 DG  A "H5''" 1 
ATOM   373 H "H4'"  . DG  A 1 11 ? 0.876   16.605  6.514   1.00 0.00 ? 12 DG  A "H4'"  1 
ATOM   374 H "H3'"  . DG  A 1 11 ? -0.422  18.452  8.449   1.00 0.00 ? 12 DG  A "H3'"  1 
ATOM   375 H "HO3'" . DG  A 1 11 ? 1.643   18.643  6.493   1.00 0.00 ? 12 DG  A "HO3'" 1 
ATOM   376 H "H2'"  . DG  A 1 11 ? -1.896  19.138  6.827   1.00 0.00 ? 12 DG  A "H2'"  1 
ATOM   377 H "H2''" . DG  A 1 11 ? -0.502  19.993  6.117   1.00 0.00 ? 12 DG  A "H2''" 1 
ATOM   378 H "H1'"  . DG  A 1 11 ? -0.051  18.143  4.618   1.00 0.00 ? 12 DG  A "H1'"  1 
ATOM   379 H H8     . DG  A 1 11 ? -3.584  17.803  5.725   1.00 0.00 ? 12 DG  A H8     1 
ATOM   380 H H1     . DG  A 1 11 ? -2.736  18.923  -0.549  1.00 0.00 ? 12 DG  A H1     1 
ATOM   381 H H21    . DG  A 1 11 ? -0.552  19.052  -0.965  1.00 0.00 ? 12 DG  A H21    1 
ATOM   382 H H22    . DG  A 1 11 ? 0.649   18.888  0.294   1.00 0.00 ? 12 DG  A H22    1 
ATOM   383 O "O5'"  . DC  B 2 1  ? -2.160  19.871  -9.243  1.00 0.00 ? 1  DC  B "O5'"  1 
ATOM   384 C "C5'"  . DC  B 2 1  ? -1.434  21.042  -8.936  1.00 0.00 ? 1  DC  B "C5'"  1 
ATOM   385 C "C4'"  . DC  B 2 1  ? -0.600  20.785  -7.642  1.00 0.00 ? 1  DC  B "C4'"  1 
ATOM   386 O "O4'"  . DC  B 2 1  ? -1.445  20.423  -6.555  1.00 0.00 ? 1  DC  B "O4'"  1 
ATOM   387 C "C3'"  . DC  B 2 1  ? 0.463   19.678  -7.753  1.00 0.00 ? 1  DC  B "C3'"  1 
ATOM   388 O "O3'"  . DC  B 2 1  ? 1.741   20.228  -7.470  1.00 0.00 ? 1  DC  B "O3'"  1 
ATOM   389 C "C2'"  . DC  B 2 1  ? 0.021   18.663  -6.702  1.00 0.00 ? 1  DC  B "C2'"  1 
ATOM   390 C "C1'"  . DC  B 2 1  ? -0.734  19.545  -5.693  1.00 0.00 ? 1  DC  B "C1'"  1 
ATOM   391 N N1     . DC  B 2 1  ? -1.647  18.847  -4.744  1.00 0.00 ? 1  DC  B N1     1 
ATOM   392 C C2     . DC  B 2 1  ? -1.389  18.873  -3.367  1.00 0.00 ? 1  DC  B C2     1 
ATOM   393 O O2     . DC  B 2 1  ? -0.305  19.240  -2.921  1.00 0.00 ? 1  DC  B O2     1 
ATOM   394 N N3     . DC  B 2 1  ? -2.376  18.478  -2.507  1.00 0.00 ? 1  DC  B N3     1 
ATOM   395 C C4     . DC  B 2 1  ? -3.559  18.040  -2.965  1.00 0.00 ? 1  DC  B C4     1 
ATOM   396 N N4     . DC  B 2 1  ? -4.517  17.714  -2.091  1.00 0.00 ? 1  DC  B N4     1 
ATOM   397 C C5     . DC  B 2 1  ? -3.825  17.952  -4.372  1.00 0.00 ? 1  DC  B C5     1 
ATOM   398 C C6     . DC  B 2 1  ? -2.841  18.372  -5.203  1.00 0.00 ? 1  DC  B C6     1 
ATOM   399 H "H5'"  . DC  B 2 1  ? -2.156  21.831  -8.718  1.00 0.00 ? 1  DC  B "H5'"  1 
ATOM   400 H "H5''" . DC  B 2 1  ? -0.899  21.341  -9.866  1.00 0.00 ? 1  DC  B "H5''" 1 
ATOM   401 H "H4'"  . DC  B 2 1  ? -0.101  21.685  -7.286  1.00 0.00 ? 1  DC  B "H4'"  1 
ATOM   402 H "H3'"  . DC  B 2 1  ? 0.419   19.218  -8.740  1.00 0.00 ? 1  DC  B "H3'"  1 
ATOM   403 H "H2'"  . DC  B 2 1  ? -0.578  17.970  -7.295  1.00 0.00 ? 1  DC  B "H2'"  1 
ATOM   404 H "H2''" . DC  B 2 1  ? 0.825   18.113  -6.223  1.00 0.00 ? 1  DC  B "H2''" 1 
ATOM   405 H "H1'"  . DC  B 2 1  ? -0.031  20.111  -5.081  1.00 0.00 ? 1  DC  B "H1'"  1 
ATOM   406 H H41    . DC  B 2 1  ? -4.363  17.821  -1.097  1.00 0.00 ? 1  DC  B H41    1 
ATOM   407 H H42    . DC  B 2 1  ? -5.415  17.397  -2.426  1.00 0.00 ? 1  DC  B H42    1 
ATOM   408 H H5     . DC  B 2 1  ? -4.761  17.593  -4.776  1.00 0.00 ? 1  DC  B H5     1 
ATOM   409 H H6     . DC  B 2 1  ? -2.969  18.377  -6.263  1.00 0.00 ? 1  DC  B H6     1 
ATOM   410 H "HO5'" . DC  B 2 1  ? -2.687  19.633  -8.476  1.00 0.00 ? 1  DC  B "HO5'" 1 
ATOM   411 P P      . DT  B 2 2  ? 3.114   19.381  -7.566  1.00 0.00 ? 2  DT  B P      1 
ATOM   412 O OP1    . DT  B 2 2  ? 4.198   20.340  -7.871  1.00 0.00 ? 2  DT  B OP1    1 
ATOM   413 O OP2    . DT  B 2 2  ? 2.904   18.233  -8.478  1.00 0.00 ? 2  DT  B OP2    1 
ATOM   414 O "O5'"  . DT  B 2 2  ? 3.350   18.787  -6.076  1.00 0.00 ? 2  DT  B "O5'"  1 
ATOM   415 C "C5'"  . DT  B 2 2  ? 3.733   19.621  -4.998  1.00 0.00 ? 2  DT  B "C5'"  1 
ATOM   416 C "C4'"  . DT  B 2 2  ? 3.887   18.804  -3.686  1.00 0.00 ? 2  DT  B "C4'"  1 
ATOM   417 O "O4'"  . DT  B 2 2  ? 2.624   18.343  -3.208  1.00 0.00 ? 2  DT  B "O4'"  1 
ATOM   418 C "C3'"  . DT  B 2 2  ? 4.822   17.577  -3.752  1.00 0.00 ? 2  DT  B "C3'"  1 
ATOM   419 O "O3'"  . DT  B 2 2  ? 5.758   17.656  -2.691  1.00 0.00 ? 2  DT  B "O3'"  1 
ATOM   420 C "C2'"  . DT  B 2 2  ? 3.868   16.389  -3.575  1.00 0.00 ? 2  DT  B "C2'"  1 
ATOM   421 C "C1'"  . DT  B 2 2  ? 2.761   17.024  -2.695  1.00 0.00 ? 2  DT  B "C1'"  1 
ATOM   422 N N1     . DT  B 2 2  ? 1.449   16.372  -2.417  1.00 0.00 ? 2  DT  B N1     1 
ATOM   423 C C2     . DT  B 2 2  ? 0.894   16.259  -1.133  1.00 0.00 ? 2  DT  B C2     1 
ATOM   424 O O2     . DT  B 2 2  ? 1.494   16.540  -0.097  1.00 0.00 ? 2  DT  B O2     1 
ATOM   425 N N3     . DT  B 2 2  ? -0.423  15.799  -1.081  1.00 0.00 ? 2  DT  B N3     1 
ATOM   426 C C4     . DT  B 2 2  ? -1.218  15.461  -2.173  1.00 0.00 ? 2  DT  B C4     1 
ATOM   427 O O4     . DT  B 2 2  ? -2.354  15.024  -2.008  1.00 0.00 ? 2  DT  B O4     1 
ATOM   428 C C5     . DT  B 2 2  ? -0.578  15.682  -3.456  1.00 0.00 ? 2  DT  B C5     1 
ATOM   429 C C7     . DT  B 2 2  ? -1.307  15.397  -4.754  1.00 0.00 ? 2  DT  B C7     1 
ATOM   430 C C6     . DT  B 2 2  ? 0.699   16.123  -3.491  1.00 0.00 ? 2  DT  B C6     1 
ATOM   431 H "H5'"  . DT  B 2 2  ? 2.949   20.362  -4.836  1.00 0.00 ? 2  DT  B "H5'"  1 
ATOM   432 H "H5''" . DT  B 2 2  ? 4.646   20.167  -5.292  1.00 0.00 ? 2  DT  B "H5''" 1 
ATOM   433 H "H4'"  . DT  B 2 2  ? 4.263   19.478  -2.917  1.00 0.00 ? 2  DT  B "H4'"  1 
ATOM   434 H "H3'"  . DT  B 2 2  ? 5.354   17.541  -4.712  1.00 0.00 ? 2  DT  B "H3'"  1 
ATOM   435 H "H2'"  . DT  B 2 2  ? 3.669   16.120  -4.616  1.00 0.00 ? 2  DT  B "H2'"  1 
ATOM   436 H "H2''" . DT  B 2 2  ? 4.316   15.529  -3.078  1.00 0.00 ? 2  DT  B "H2''" 1 
ATOM   437 H "H1'"  . DT  B 2 2  ? 3.124   16.973  -1.717  1.00 0.00 ? 2  DT  B "H1'"  1 
ATOM   438 H H3     . DT  B 2 2  ? -0.851  15.701  -0.169  1.00 0.00 ? 2  DT  B H3     1 
ATOM   439 H H71    . DT  B 2 2  ? -2.382  15.497  -4.612  1.00 0.00 ? 2  DT  B H71    1 
ATOM   440 H H72    . DT  B 2 2  ? -0.983  16.090  -5.530  1.00 0.00 ? 2  DT  B H72    1 
ATOM   441 H H73    . DT  B 2 2  ? -1.090  14.379  -5.075  1.00 0.00 ? 2  DT  B H73    1 
ATOM   442 H H6     . DT  B 2 2  ? 1.273   16.405  -4.314  1.00 0.00 ? 2  DT  B H6     1 
ATOM   443 P P      . DT  B 2 3  ? 6.910   16.540  -2.450  1.00 0.00 ? 3  DT  B P      1 
ATOM   444 O OP1    . DT  B 2 3  ? 8.138   17.232  -2.015  1.00 0.00 ? 3  DT  B OP1    1 
ATOM   445 O OP2    . DT  B 2 3  ? 6.962   15.629  -3.613  1.00 0.00 ? 3  DT  B OP2    1 
ATOM   446 O "O5'"  . DT  B 2 3  ? 6.303   15.706  -1.202  1.00 0.00 ? 3  DT  B "O5'"  1 
ATOM   447 C "C5'"  . DT  B 2 3  ? 6.180   16.287  0.082   1.00 0.00 ? 3  DT  B "C5'"  1 
ATOM   448 C "C4'"  . DT  B 2 3  ? 5.507   15.330  1.096   1.00 0.00 ? 3  DT  B "C4'"  1 
ATOM   449 O "O4'"  . DT  B 2 3  ? 4.101   15.178  0.824   1.00 0.00 ? 3  DT  B "O4'"  1 
ATOM   450 C "C3'"  . DT  B 2 3  ? 6.103   13.908  1.112   1.00 0.00 ? 3  DT  B "C3'"  1 
ATOM   451 O "O3'"  . DT  B 2 3  ? 6.353   13.488  2.438   1.00 0.00 ? 3  DT  B "O3'"  1 
ATOM   452 C "C2'"  . DT  B 2 3  ? 5.026   13.099  0.405   1.00 0.00 ? 3  DT  B "C2'"  1 
ATOM   453 C "C1'"  . DT  B 2 3  ? 3.734   13.796  0.866   1.00 0.00 ? 3  DT  B "C1'"  1 
ATOM   454 N N1     . DT  B 2 3  ? 2.469   13.442  0.131   1.00 0.00 ? 3  DT  B N1     1 
ATOM   455 C C2     . DT  B 2 3  ? 1.278   13.328  0.865   1.00 0.00 ? 3  DT  B C2     1 
ATOM   456 O O2     . DT  B 2 3  ? 1.207   13.559  2.067   1.00 0.00 ? 3  DT  B O2     1 
ATOM   457 N N3     . DT  B 2 3  ? 0.141   12.923  0.166   1.00 0.00 ? 3  DT  B N3     1 
ATOM   458 C C4     . DT  B 2 3  ? 0.080   12.662  -1.192  1.00 0.00 ? 3  DT  B C4     1 
ATOM   459 O O4     . DT  B 2 3  ? -0.964  12.276  -1.706  1.00 0.00 ? 3  DT  B O4     1 
ATOM   460 C C5     . DT  B 2 3  ? 1.323   12.884  -1.900  1.00 0.00 ? 3  DT  B C5     1 
ATOM   461 C C7     . DT  B 2 3  ? 1.340   12.812  -3.418  1.00 0.00 ? 3  DT  B C7     1 
ATOM   462 C C6     . DT  B 2 3  ? 2.449   13.226  -1.223  1.00 0.00 ? 3  DT  B C6     1 
ATOM   463 H "H5'"  . DT  B 2 3  ? 5.562   17.184  0.012   1.00 0.00 ? 3  DT  B "H5'"  1 
ATOM   464 H "H5''" . DT  B 2 3  ? 7.181   16.596  0.415   1.00 0.00 ? 3  DT  B "H5''" 1 
ATOM   465 H "H4'"  . DT  B 2 3  ? 5.670   15.824  2.062   1.00 0.00 ? 3  DT  B "H4'"  1 
ATOM   466 H "H3'"  . DT  B 2 3  ? 7.003   13.876  0.494   1.00 0.00 ? 3  DT  B "H3'"  1 
ATOM   467 H "H2'"  . DT  B 2 3  ? 5.470   13.241  -0.571  1.00 0.00 ? 3  DT  B "H2'"  1 
ATOM   468 H "H2''" . DT  B 2 3  ? 4.924   12.029  0.507   1.00 0.00 ? 3  DT  B "H2''" 1 
ATOM   469 H "H1'"  . DT  B 2 3  ? 3.527   13.465  1.899   1.00 0.00 ? 3  DT  B "H1'"  1 
ATOM   470 H H3     . DT  B 2 3  ? -0.731  12.821  0.676   1.00 0.00 ? 3  DT  B H3     1 
ATOM   471 H H71    . DT  B 2 3  ? 1.727   11.839  -3.722  1.00 0.00 ? 3  DT  B H71    1 
ATOM   472 H H72    . DT  B 2 3  ? 0.336   12.930  -3.824  1.00 0.00 ? 3  DT  B H72    1 
ATOM   473 H H73    . DT  B 2 3  ? 1.983   13.591  -3.827  1.00 0.00 ? 3  DT  B H73    1 
ATOM   474 H H6     . DT  B 2 3  ? 3.366   13.272  -1.758  1.00 0.00 ? 3  DT  B H6     1 
ATOM   475 P P      . DA  B 2 4  ? 6.987   12.039  2.793   1.00 0.00 ? 4  DA  B P      1 
ATOM   476 O OP1    . DA  B 2 4  ? 8.007   12.246  3.846   1.00 0.00 ? 4  DA  B OP1    1 
ATOM   477 O OP2    . DA  B 2 4  ? 7.357   11.345  1.544   1.00 0.00 ? 4  DA  B OP2    1 
ATOM   478 O "O5'"  . DA  B 2 4  ? 5.722   11.278  3.447   1.00 0.00 ? 4  DA  B "O5'"  1 
ATOM   479 C "C5'"  . DA  B 2 4  ? 5.122   11.801  4.614   1.00 0.00 ? 4  DA  B "C5'"  1 
ATOM   480 C "C4'"  . DA  B 2 4  ? 3.858   11.054  5.055   1.00 0.00 ? 4  DA  B "C4'"  1 
ATOM   481 O "O4'"  . DA  B 2 4  ? 2.877   11.008  4.000   1.00 0.00 ? 4  DA  B "O4'"  1 
ATOM   482 C "C3'"  . DA  B 2 4  ? 4.097   9.605   5.514   1.00 0.00 ? 4  DA  B "C3'"  1 
ATOM   483 O "O3'"  . DA  B 2 4  ? 3.316   9.396   6.677   1.00 0.00 ? 4  DA  B "O3'"  1 
ATOM   484 C "C2'"  . DA  B 2 4  ? 3.520   8.779   4.348   1.00 0.00 ? 4  DA  B "C2'"  1 
ATOM   485 C "C1'"  . DA  B 2 4  ? 2.400   9.671   3.803   1.00 0.00 ? 4  DA  B "C1'"  1 
ATOM   486 N N9     . DA  B 2 4  ? 1.866   9.366   2.447   1.00 0.00 ? 4  DA  B N9     1 
ATOM   487 C C8     . DA  B 2 4  ? 2.483   9.548   1.251   1.00 0.00 ? 4  DA  B C8     1 
ATOM   488 N N7     . DA  B 2 4  ? 1.784   9.216   0.202   1.00 0.00 ? 4  DA  B N7     1 
ATOM   489 C C5     . DA  B 2 4  ? 0.568   8.820   0.742   1.00 0.00 ? 4  DA  B C5     1 
ATOM   490 C C6     . DA  B 2 4  ? -0.640  8.379   0.158   1.00 0.00 ? 4  DA  B C6     1 
ATOM   491 N N6     . DA  B 2 4  ? -0.754  8.167   -1.156  1.00 0.00 ? 4  DA  B N6     1 
ATOM   492 N N1     . DA  B 2 4  ? -1.717  8.181   0.949   1.00 0.00 ? 4  DA  B N1     1 
ATOM   493 C C2     . DA  B 2 4  ? -1.575  8.391   2.259   1.00 0.00 ? 4  DA  B C2     1 
ATOM   494 N N3     . DA  B 2 4  ? -0.487  8.761   2.934   1.00 0.00 ? 4  DA  B N3     1 
ATOM   495 C C4     . DA  B 2 4  ? 0.583   8.959   2.110   1.00 0.00 ? 4  DA  B C4     1 
ATOM   496 H "H5'"  . DA  B 2 4  ? 4.826   12.835  4.424   1.00 0.00 ? 4  DA  B "H5'"  1 
ATOM   497 H "H5''" . DA  B 2 4  ? 5.853   11.805  5.428   1.00 0.00 ? 4  DA  B "H5''" 1 
ATOM   498 H "H4'"  . DA  B 2 4  ? 3.552   11.680  5.911   1.00 0.00 ? 4  DA  B "H4'"  1 
ATOM   499 H "H3'"  . DA  B 2 4  ? 5.140   9.398   5.795   1.00 0.00 ? 4  DA  B "H3'"  1 
ATOM   500 H "H2'"  . DA  B 2 4  ? 4.230   8.521   3.574   1.00 0.00 ? 4  DA  B "H2'"  1 
ATOM   501 H "H2''" . DA  B 2 4  ? 3.141   7.852   4.726   1.00 0.00 ? 4  DA  B "H2''" 1 
ATOM   502 H "H1'"  . DA  B 2 4  ? 1.510   9.472   4.359   1.00 0.00 ? 4  DA  B "H1'"  1 
ATOM   503 H H8     . DA  B 2 4  ? 3.465   9.947   1.226   1.00 0.00 ? 4  DA  B H8     1 
ATOM   504 H H61    . DA  B 2 4  ? -1.633  7.862   -1.550  1.00 0.00 ? 4  DA  B H61    1 
ATOM   505 H H62    . DA  B 2 4  ? 0.042   8.326   -1.756  1.00 0.00 ? 4  DA  B H62    1 
ATOM   506 H H2     . DA  B 2 4  ? -2.466  8.251   2.853   1.00 0.00 ? 4  DA  B H2     1 
ATOM   507 P P      . DA  B 2 5  ? 3.385   8.036   7.554   1.00 0.00 ? 5  DA  B P      1 
ATOM   508 O OP1    . DA  B 2 5  ? 3.641   8.423   8.956   1.00 0.00 ? 5  DA  B OP1    1 
ATOM   509 O OP2    . DA  B 2 5  ? 4.293   7.071   6.888   1.00 0.00 ? 5  DA  B OP2    1 
ATOM   510 O "O5'"  . DA  B 2 5  ? 1.863   7.485   7.435   1.00 0.00 ? 5  DA  B "O5'"  1 
ATOM   511 C "C5'"  . DA  B 2 5  ? 0.780   8.297   7.852   1.00 0.00 ? 5  DA  B "C5'"  1 
ATOM   512 C "C4'"  . DA  B 2 5  ? -0.604  7.671   7.595   1.00 0.00 ? 5  DA  B "C4'"  1 
ATOM   513 O "O4'"  . DA  B 2 5  ? -0.784  7.442   6.188   1.00 0.00 ? 5  DA  B "O4'"  1 
ATOM   514 C "C3'"  . DA  B 2 5  ? -0.866  6.324   8.300   1.00 0.00 ? 5  DA  B "C3'"  1 
ATOM   515 O "O3'"  . DA  B 2 5  ? -2.246  6.230   8.618   1.00 0.00 ? 5  DA  B "O3'"  1 
ATOM   516 C "C2'"  . DA  B 2 5  ? -0.528  5.329   7.174   1.00 0.00 ? 5  DA  B "C2'"  1 
ATOM   517 C "C1'"  . DA  B 2 5  ? -1.085  6.067   5.951   1.00 0.00 ? 5  DA  B "C1'"  1 
ATOM   518 N N9     . DA  B 2 5  ? -0.707  5.555   4.613   1.00 0.00 ? 5  DA  B N9     1 
ATOM   519 C C8     . DA  B 2 5  ? 0.535   5.448   4.078   1.00 0.00 ? 5  DA  B C8     1 
ATOM   520 N N7     . DA  B 2 5  ? 0.594   5.033   2.848   1.00 0.00 ? 5  DA  B N7     1 
ATOM   521 C C5     . DA  B 2 5  ? -0.739  4.827   2.534   1.00 0.00 ? 5  DA  B C5     1 
ATOM   522 C C6     . DA  B 2 5  ? -1.380  4.397   1.356   1.00 0.00 ? 5  DA  B C6     1 
ATOM   523 N N6     . DA  B 2 5  ? -0.715  4.138   0.225   1.00 0.00 ? 5  DA  B N6     1 
ATOM   524 N N1     . DA  B 2 5  ? -2.719  4.277   1.369   1.00 0.00 ? 5  DA  B N1     1 
ATOM   525 C C2     . DA  B 2 5  ? -3.387  4.588   2.473   1.00 0.00 ? 5  DA  B C2     1 
ATOM   526 N N3     . DA  B 2 5  ? -2.910  5.035   3.633   1.00 0.00 ? 5  DA  B N3     1 
ATOM   527 C C4     . DA  B 2 5  ? -1.549  5.128   3.604   1.00 0.00 ? 5  DA  B C4     1 
ATOM   528 H "H5'"  . DA  B 2 5  ? 0.810   9.225   7.275   1.00 0.00 ? 5  DA  B "H5'"  1 
ATOM   529 H "H5''" . DA  B 2 5  ? 0.905   8.554   8.912   1.00 0.00 ? 5  DA  B "H5''" 1 
ATOM   530 H "H4'"  . DA  B 2 5  ? -1.290  8.439   7.981   1.00 0.00 ? 5  DA  B "H4'"  1 
ATOM   531 H "H3'"  . DA  B 2 5  ? -0.301  6.225   9.240   1.00 0.00 ? 5  DA  B "H3'"  1 
ATOM   532 H "H2'"  . DA  B 2 5  ? 0.552   5.211   7.092   1.00 0.00 ? 5  DA  B "H2'"  1 
ATOM   533 H "H2''" . DA  B 2 5  ? -1.006  4.357   7.310   1.00 0.00 ? 5  DA  B "H2''" 1 
ATOM   534 H "H1'"  . DA  B 2 5  ? -2.142  5.909   5.890   1.00 0.00 ? 5  DA  B "H1'"  1 
ATOM   535 H H8     . DA  B 2 5  ? 1.371   5.700   4.667   1.00 0.00 ? 5  DA  B H8     1 
ATOM   536 H H61    . DA  B 2 5  ? -1.225  3.930   -0.622  1.00 0.00 ? 5  DA  B H61    1 
ATOM   537 H H62    . DA  B 2 5  ? 0.291   4.224   0.207   1.00 0.00 ? 5  DA  B H62    1 
ATOM   538 H H2     . DA  B 2 5  ? -4.459  4.483   2.412   1.00 0.00 ? 5  DA  B H2     1 
ATOM   539 P P      . DT  B 2 6  ? -2.849  5.069   9.584   1.00 0.00 ? 6  DT  B P      1 
ATOM   540 O OP1    . DT  B 2 6  ? -3.632  5.739   10.641  1.00 0.00 ? 6  DT  B OP1    1 
ATOM   541 O OP2    . DT  B 2 6  ? -1.757  4.147   9.962   1.00 0.00 ? 6  DT  B OP2    1 
ATOM   542 O "O5'"  . DT  B 2 6  ? -3.870  4.248   8.629   1.00 0.00 ? 6  DT  B "O5'"  1 
ATOM   543 C "C5'"  . DT  B 2 6  ? -5.018  4.859   8.066   1.00 0.00 ? 6  DT  B "C5'"  1 
ATOM   544 C "C4'"  . DT  B 2 6  ? -5.646  3.894   7.011   1.00 0.00 ? 6  DT  B "C4'"  1 
ATOM   545 O "O4'"  . DT  B 2 6  ? -4.653  3.550   6.056   1.00 0.00 ? 6  DT  B "O4'"  1 
ATOM   546 C "C3'"  . DT  B 2 6  ? -6.279  2.571   7.507   1.00 0.00 ? 6  DT  B "C3'"  1 
ATOM   547 O "O3'"  . DT  B 2 6  ? -7.601  2.466   6.989   1.00 0.00 ? 6  DT  B "O3'"  1 
ATOM   548 C "C2'"  . DT  B 2 6  ? -5.375  1.492   6.897   1.00 0.00 ? 6  DT  B "C2'"  1 
ATOM   549 C "C1'"  . DT  B 2 6  ? -4.853  2.210   5.637   1.00 0.00 ? 6  DT  B "C1'"  1 
ATOM   550 N N1     . DT  B 2 6  ? -3.656  1.685   4.935   1.00 0.00 ? 6  DT  B N1     1 
ATOM   551 C C2     . DT  B 2 6  ? -3.692  1.358   3.577   1.00 0.00 ? 6  DT  B C2     1 
ATOM   552 O O2     . DT  B 2 6  ? -4.726  1.271   2.917   1.00 0.00 ? 6  DT  B O2     1 
ATOM   553 N N3     . DT  B 2 6  ? -2.460  1.130   2.976   1.00 0.00 ? 6  DT  B N3     1 
ATOM   554 C C4     . DT  B 2 6  ? -1.217  1.215   3.588   1.00 0.00 ? 6  DT  B C4     1 
ATOM   555 O O4     . DT  B 2 6  ? -0.192  0.964   2.960   1.00 0.00 ? 6  DT  B O4     1 
ATOM   556 C C5     . DT  B 2 6  ? -1.271  1.626   4.973   1.00 0.00 ? 6  DT  B C5     1 
ATOM   557 C C7     . DT  B 2 6  ? 0.020   1.818   5.737   1.00 0.00 ? 6  DT  B C7     1 
ATOM   558 C C6     . DT  B 2 6  ? -2.471  1.835   5.567   1.00 0.00 ? 6  DT  B C6     1 
ATOM   559 H "H5'"  . DT  B 2 6  ? -4.669  5.746   7.527   1.00 0.00 ? 6  DT  B "H5'"  1 
ATOM   560 H "H5''" . DT  B 2 6  ? -5.679  5.211   8.887   1.00 0.00 ? 6  DT  B "H5''" 1 
ATOM   561 H "H4'"  . DT  B 2 6  ? -6.399  4.400   6.412   1.00 0.00 ? 6  DT  B "H4'"  1 
ATOM   562 H "H3'"  . DT  B 2 6  ? -6.293  2.530   8.602   1.00 0.00 ? 6  DT  B "H3'"  1 
ATOM   563 H "H2'"  . DT  B 2 6  ? -4.734  1.164   7.716   1.00 0.00 ? 6  DT  B "H2'"  1 
ATOM   564 H "H2''" . DT  B 2 6  ? -5.860  0.598   6.560   1.00 0.00 ? 6  DT  B "H2''" 1 
ATOM   565 H "H1'"  . DT  B 2 6  ? -5.626  2.164   4.896   1.00 0.00 ? 6  DT  B "H1'"  1 
ATOM   566 H H3     . DT  B 2 6  ? -2.478  0.868   2.001   1.00 0.00 ? 6  DT  B H3     1 
ATOM   567 H H71    . DT  B 2 6  ? 0.636   2.547   5.213   1.00 0.00 ? 6  DT  B H71    1 
ATOM   568 H H72    . DT  B 2 6  ? -0.176  2.174   6.749   1.00 0.00 ? 6  DT  B H72    1 
ATOM   569 H H73    . DT  B 2 6  ? 0.546   0.864   5.788   1.00 0.00 ? 6  DT  B H73    1 
ATOM   570 H H6     . DT  B 2 6  ? -2.622  2.202   6.545   1.00 0.00 ? 6  DT  B H6     1 
ATOM   571 P P      . DT  B 2 7  ? -8.580  1.213   7.315   1.00 0.00 ? 7  DT  B P      1 
ATOM   572 O OP1    . DT  B 2 7  ? -9.971  1.726   7.327   1.00 0.00 ? 7  DT  B OP1    1 
ATOM   573 O OP2    . DT  B 2 7  ? -8.063  0.517   8.511   1.00 0.00 ? 7  DT  B OP2    1 
ATOM   574 O "O5'"  . DT  B 2 7  ? -8.417  0.227   6.033   1.00 0.00 ? 7  DT  B "O5'"  1 
ATOM   575 C "C5'"  . DT  B 2 7  ? -8.979  0.574   4.780   1.00 0.00 ? 7  DT  B "C5'"  1 
ATOM   576 C "C4'"  . DT  B 2 7  ? -8.637  -0.444  3.658   1.00 0.00 ? 7  DT  B "C4'"  1 
ATOM   577 O "O4'"  . DT  B 2 7  ? -7.238  -0.435  3.376   1.00 0.00 ? 7  DT  B "O4'"  1 
ATOM   578 C "C3'"  . DT  B 2 7  ? -9.035  -1.923  3.866   1.00 0.00 ? 7  DT  B "C3'"  1 
ATOM   579 O "O3'"  . DT  B 2 7  ? -9.916  -2.325  2.819   1.00 0.00 ? 7  DT  B "O3'"  1 
ATOM   580 C "C2'"  . DT  B 2 7  ? -7.718  -2.687  3.769   1.00 0.00 ? 7  DT  B "C2'"  1 
ATOM   581 C "C1'"  . DT  B 2 7  ? -6.815  -1.734  2.975   1.00 0.00 ? 7  DT  B "C1'"  1 
ATOM   582 N N1     . DT  B 2 7  ? -5.347  -1.912  3.005   1.00 0.00 ? 7  DT  B N1     1 
ATOM   583 C C2     . DT  B 2 7  ? -4.574  -2.015  1.844   1.00 0.00 ? 7  DT  B C2     1 
ATOM   584 O O2     . DT  B 2 7  ? -5.042  -2.144  0.714   1.00 0.00 ? 7  DT  B O2     1 
ATOM   585 N N3     . DT  B 2 7  ? -3.197  -1.995  2.036   1.00 0.00 ? 7  DT  B N3     1 
ATOM   586 C C4     . DT  B 2 7  ? -2.546  -1.940  3.265   1.00 0.00 ? 7  DT  B C4     1 
ATOM   587 O O4     . DT  B 2 7  ? -1.319  -1.997  3.318   1.00 0.00 ? 7  DT  B O4     1 
ATOM   588 C C5     . DT  B 2 7  ? -3.434  -1.803  4.406   1.00 0.00 ? 7  DT  B C5     1 
ATOM   589 C C7     . DT  B 2 7  ? -2.872  -1.674  5.809   1.00 0.00 ? 7  DT  B C7     1 
ATOM   590 C C6     . DT  B 2 7  ? -4.773  -1.792  4.209   1.00 0.00 ? 7  DT  B C6     1 
ATOM   591 H "H5'"  . DT  B 2 7  ? -8.539  1.529   4.482   1.00 0.00 ? 7  DT  B "H5'"  1 
ATOM   592 H "H5''" . DT  B 2 7  ? -10.063 0.726   4.919   1.00 0.00 ? 7  DT  B "H5''" 1 
ATOM   593 H "H4'"  . DT  B 2 7  ? -9.132  -0.088  2.753   1.00 0.00 ? 7  DT  B "H4'"  1 
ATOM   594 H "H3'"  . DT  B 2 7  ? -9.485  -2.069  4.848   1.00 0.00 ? 7  DT  B "H3'"  1 
ATOM   595 H "H2'"  . DT  B 2 7  ? -7.490  -3.240  4.680   1.00 0.00 ? 7  DT  B "H2'"  1 
ATOM   596 H "H2''" . DT  B 2 7  ? -7.788  -3.487  3.109   1.00 0.00 ? 7  DT  B "H2''" 1 
ATOM   597 H "H1'"  . DT  B 2 7  ? -7.019  -1.968  1.958   1.00 0.00 ? 7  DT  B "H1'"  1 
ATOM   598 H H3     . DT  B 2 7  ? -2.637  -2.053  1.196   1.00 0.00 ? 7  DT  B H3     1 
ATOM   599 H H71    . DT  B 2 7  ? -1.883  -1.217  5.780   1.00 0.00 ? 7  DT  B H71    1 
ATOM   600 H H72    . DT  B 2 7  ? -3.529  -1.057  6.422   1.00 0.00 ? 7  DT  B H72    1 
ATOM   601 H H73    . DT  B 2 7  ? -2.792  -2.665  6.256   1.00 0.00 ? 7  DT  B H73    1 
ATOM   602 H H6     . DT  B 2 7  ? -5.549  -1.642  4.911   1.00 0.00 ? 7  DT  B H6     1 
ATOM   603 P P      . DC  B 2 8  ? -10.523 -3.832  2.674   1.00 0.00 ? 8  DC  B P      1 
ATOM   604 O OP1    . DC  B 2 8  ? -11.912 -3.723  2.174   1.00 0.00 ? 8  DC  B OP1    1 
ATOM   605 O OP2    . DC  B 2 8  ? -10.253 -4.588  3.917   1.00 0.00 ? 8  DC  B OP2    1 
ATOM   606 O "O5'"  . DC  B 2 8  ? -9.601  -4.449  1.481   1.00 0.00 ? 8  DC  B "O5'"  1 
ATOM   607 C "C5'"  . DC  B 2 8  ? -9.623  -3.880  0.178   1.00 0.00 ? 8  DC  B "C5'"  1 
ATOM   608 C "C4'"  . DC  B 2 8  ? -8.568  -4.489  -0.794  1.00 0.00 ? 8  DC  B "C4'"  1 
ATOM   609 O "O4'"  . DC  B 2 8  ? -7.234  -4.275  -0.322  1.00 0.00 ? 8  DC  B "O4'"  1 
ATOM   610 C "C3'"  . DC  B 2 8  ? -8.682  -5.993  -1.110  1.00 0.00 ? 8  DC  B "C3'"  1 
ATOM   611 O "O3'"  . DC  B 2 8  ? -8.778  -6.211  -2.513  1.00 0.00 ? 8  DC  B "O3'"  1 
ATOM   612 C "C2'"  . DC  B 2 8  ? -7.382  -6.558  -0.540  1.00 0.00 ? 8  DC  B "C2'"  1 
ATOM   613 C "C1'"  . DC  B 2 8  ? -6.406  -5.377  -0.686  1.00 0.00 ? 8  DC  B "C1'"  1 
ATOM   614 N N1     . DC  B 2 8  ? -5.165  -5.446  0.150   1.00 0.00 ? 8  DC  B N1     1 
ATOM   615 C C2     . DC  B 2 8  ? -3.903  -5.351  -0.459  1.00 0.00 ? 8  DC  B C2     1 
ATOM   616 O O2     . DC  B 2 8  ? -3.751  -5.416  -1.678  1.00 0.00 ? 8  DC  B O2     1 
ATOM   617 N N3     . DC  B 2 8  ? -2.807  -5.185  0.337   1.00 0.00 ? 8  DC  B N3     1 
ATOM   618 C C4     . DC  B 2 8  ? -2.919  -5.066  1.667   1.00 0.00 ? 8  DC  B C4     1 
ATOM   619 N N4     . DC  B 2 8  ? -1.809  -4.919  2.397   1.00 0.00 ? 8  DC  B N4     1 
ATOM   620 C C5     . DC  B 2 8  ? -4.197  -5.121  2.313   1.00 0.00 ? 8  DC  B C5     1 
ATOM   621 C C6     . DC  B 2 8  ? -5.268  -5.345  1.511   1.00 0.00 ? 8  DC  B C6     1 
ATOM   622 H "H5'"  . DC  B 2 8  ? -9.361  -2.824  0.277   1.00 0.00 ? 8  DC  B "H5'"  1 
ATOM   623 H "H5''" . DC  B 2 8  ? -10.662 -3.929  -0.194  1.00 0.00 ? 8  DC  B "H5''" 1 
ATOM   624 H "H4'"  . DC  B 2 8  ? -8.660  -3.946  -1.736  1.00 0.00 ? 8  DC  B "H4'"  1 
ATOM   625 H "H3'"  . DC  B 2 8  ? -9.538  -6.423  -0.591  1.00 0.00 ? 8  DC  B "H3'"  1 
ATOM   626 H "H2'"  . DC  B 2 8  ? -7.677  -6.924  0.437   1.00 0.00 ? 8  DC  B "H2'"  1 
ATOM   627 H "H2''" . DC  B 2 8  ? -6.970  -7.411  -1.032  1.00 0.00 ? 8  DC  B "H2''" 1 
ATOM   628 H "H1'"  . DC  B 2 8  ? -6.077  -5.301  -1.735  1.00 0.00 ? 8  DC  B "H1'"  1 
ATOM   629 H H41    . DC  B 2 8  ? -0.912  -4.916  1.933   1.00 0.00 ? 8  DC  B H41    1 
ATOM   630 H H42    . DC  B 2 8  ? -1.864  -4.826  3.400   1.00 0.00 ? 8  DC  B H42    1 
ATOM   631 H H5     . DC  B 2 8  ? -4.339  -4.898  3.365   1.00 0.00 ? 8  DC  B H5     1 
ATOM   632 H H6     . DC  B 2 8  ? -6.238  -5.479  1.934   1.00 0.00 ? 8  DC  B H6     1 
ATOM   633 P P      . DG  B 2 9  ? -8.909  -7.697  -3.160  1.00 0.00 ? 9  DG  B P      1 
ATOM   634 O OP1    . DG  B 2 9  ? -9.792  -7.622  -4.345  1.00 0.00 ? 9  DG  B OP1    1 
ATOM   635 O OP2    . DG  B 2 9  ? -9.235  -8.650  -2.076  1.00 0.00 ? 9  DG  B OP2    1 
ATOM   636 O "O5'"  . DG  B 2 9  ? -7.391  -7.984  -3.675  1.00 0.00 ? 9  DG  B "O5'"  1 
ATOM   637 C "C5'"  . DG  B 2 9  ? -6.836  -7.200  -4.720  1.00 0.00 ? 9  DG  B "C5'"  1 
ATOM   638 C "C4'"  . DG  B 2 9  ? -5.378  -7.552  -5.110  1.00 0.00 ? 9  DG  B "C4'"  1 
ATOM   639 O "O4'"  . DG  B 2 9  ? -4.444  -7.287  -4.050  1.00 0.00 ? 9  DG  B "O4'"  1 
ATOM   640 C "C3'"  . DG  B 2 9  ? -5.128  -9.004  -5.566  1.00 0.00 ? 9  DG  B "C3'"  1 
ATOM   641 O "O3'"  . DG  B 2 9  ? -4.266  -8.975  -6.694  1.00 0.00 ? 9  DG  B "O3'"  1 
ATOM   642 C "C2'"  . DG  B 2 9  ? -4.396  -9.581  -4.342  1.00 0.00 ? 9  DG  B "C2'"  1 
ATOM   643 C "C1'"  . DG  B 2 9  ? -3.537  -8.383  -3.920  1.00 0.00 ? 9  DG  B "C1'"  1 
ATOM   644 N N9     . DG  B 2 9  ? -2.849  -8.476  -2.611  1.00 0.00 ? 9  DG  B N9     1 
ATOM   645 C C8     . DG  B 2 9  ? -3.417  -8.592  -1.389  1.00 0.00 ? 9  DG  B C8     1 
ATOM   646 N N7     . DG  B 2 9  ? -2.595  -8.676  -0.386  1.00 0.00 ? 9  DG  B N7     1 
ATOM   647 C C5     . DG  B 2 9  ? -1.352  -8.612  -0.993  1.00 0.00 ? 9  DG  B C5     1 
ATOM   648 C C6     . DG  B 2 9  ? -0.055  -8.697  -0.408  1.00 0.00 ? 9  DG  B C6     1 
ATOM   649 O O6     . DG  B 2 9  ? 0.230   -8.828  0.780   1.00 0.00 ? 9  DG  B O6     1 
ATOM   650 N N1     . DG  B 2 9  ? 0.959   -8.625  -1.359  1.00 0.00 ? 9  DG  B N1     1 
ATOM   651 C C2     . DG  B 2 9  ? 0.743   -8.467  -2.714  1.00 0.00 ? 9  DG  B C2     1 
ATOM   652 N N2     . DG  B 2 9  ? 1.825   -8.408  -3.495  1.00 0.00 ? 9  DG  B N2     1 
ATOM   653 N N3     . DG  B 2 9  ? -0.480  -8.384  -3.263  1.00 0.00 ? 9  DG  B N3     1 
ATOM   654 C C4     . DG  B 2 9  ? -1.489  -8.474  -2.356  1.00 0.00 ? 9  DG  B C4     1 
ATOM   655 H "H5'"  . DG  B 2 9  ? -6.834  -6.157  -4.398  1.00 0.00 ? 9  DG  B "H5'"  1 
ATOM   656 H "H5''" . DG  B 2 9  ? -7.503  -7.271  -5.591  1.00 0.00 ? 9  DG  B "H5''" 1 
ATOM   657 H "H4'"  . DG  B 2 9  ? -5.178  -6.878  -5.950  1.00 0.00 ? 9  DG  B "H4'"  1 
ATOM   658 H "H3'"  . DG  B 2 9  ? -6.049  -9.522  -5.866  1.00 0.00 ? 9  DG  B "H3'"  1 
ATOM   659 H "H2'"  . DG  B 2 9  ? -5.132  -9.824  -3.574  1.00 0.00 ? 9  DG  B "H2'"  1 
ATOM   660 H "H2''" . DG  B 2 9  ? -3.791  -10.456 -4.570  1.00 0.00 ? 9  DG  B "H2''" 1 
ATOM   661 H "H1'"  . DG  B 2 9  ? -2.683  -8.311  -4.564  1.00 0.00 ? 9  DG  B "H1'"  1 
ATOM   662 H H8     . DG  B 2 9  ? -4.465  -8.616  -1.313  1.00 0.00 ? 9  DG  B H8     1 
ATOM   663 H H1     . DG  B 2 9  ? 1.909   -8.685  -1.012  1.00 0.00 ? 9  DG  B H1     1 
ATOM   664 H H21    . DG  B 2 9  ? 2.751   -8.479  -3.096  1.00 0.00 ? 9  DG  B H21    1 
ATOM   665 H H22    . DG  B 2 9  ? 1.714   -8.277  -4.491  1.00 0.00 ? 9  DG  B H22    1 
ATOM   666 P P      . DT  B 2 10 ? -3.789  -10.316 -7.471  1.00 0.00 ? 10 DT  B P      1 
ATOM   667 O OP1    . DT  B 2 10 ? -3.926  -10.073 -8.925  1.00 0.00 ? 10 DT  B OP1    1 
ATOM   668 O OP2    . DT  B 2 10 ? -4.455  -11.488 -6.858  1.00 0.00 ? 10 DT  B OP2    1 
ATOM   669 O "O5'"  . DT  B 2 10 ? -2.213  -10.388 -7.116  1.00 0.00 ? 10 DT  B "O5'"  1 
ATOM   670 C "C5'"  . DT  B 2 10 ? -1.332  -9.360  -7.530  1.00 0.00 ? 10 DT  B "C5'"  1 
ATOM   671 C "C4'"  . DT  B 2 10 ? 0.126   -9.668  -7.113  1.00 0.00 ? 10 DT  B "C4'"  1 
ATOM   672 O "O4'"  . DT  B 2 10 ? 0.264   -9.794  -5.701  1.00 0.00 ? 10 DT  B "O4'"  1 
ATOM   673 C "C3'"  . DT  B 2 10 ? 0.735   -10.938 -7.721  1.00 0.00 ? 10 DT  B "C3'"  1 
ATOM   674 O "O3'"  . DT  B 2 10 ? 1.978   -10.557 -8.300  1.00 0.00 ? 10 DT  B "O3'"  1 
ATOM   675 C "C2'"  . DT  B 2 10 ? 0.945   -11.846 -6.511  1.00 0.00 ? 10 DT  B "C2'"  1 
ATOM   676 C "C1'"  . DT  B 2 10 ? 1.160   -10.857 -5.372  1.00 0.00 ? 10 DT  B "C1'"  1 
ATOM   677 N N1     . DT  B 2 10 ? 0.929   -11.420 -4.015  1.00 0.00 ? 10 DT  B N1     1 
ATOM   678 C C2     . DT  B 2 10 ? 1.980   -11.631 -3.116  1.00 0.00 ? 10 DT  B C2     1 
ATOM   679 O O2     . DT  B 2 10 ? 3.166   -11.537 -3.423  1.00 0.00 ? 10 DT  B O2     1 
ATOM   680 N N3     . DT  B 2 10 ? 1.612   -11.949 -1.811  1.00 0.00 ? 10 DT  B N3     1 
ATOM   681 C C4     . DT  B 2 10 ? 0.309   -12.048 -1.334  1.00 0.00 ? 10 DT  B C4     1 
ATOM   682 O O4     . DT  B 2 10 ? 0.104   -12.313 -0.152  1.00 0.00 ? 10 DT  B O4     1 
ATOM   683 C C5     . DT  B 2 10 ? -0.717  -11.813 -2.337  1.00 0.00 ? 10 DT  B C5     1 
ATOM   684 C C7     . DT  B 2 10 ? -2.182  -11.865 -1.941  1.00 0.00 ? 10 DT  B C7     1 
ATOM   685 C C6     . DT  B 2 10 ? -0.360  -11.526 -3.615  1.00 0.00 ? 10 DT  B C6     1 
ATOM   686 H "H5'"  . DT  B 2 10 ? -1.624  -8.434  -7.031  1.00 0.00 ? 10 DT  B "H5'"  1 
ATOM   687 H "H5''" . DT  B 2 10 ? -1.451  -9.203  -8.616  1.00 0.00 ? 10 DT  B "H5''" 1 
ATOM   688 H "H4'"  . DT  B 2 10 ? 0.738   -8.813  -7.403  1.00 0.00 ? 10 DT  B "H4'"  1 
ATOM   689 H "H3'"  . DT  B 2 10 ? 0.081   -11.394 -8.466  1.00 0.00 ? 10 DT  B "H3'"  1 
ATOM   690 H "H2'"  . DT  B 2 10 ? 0.098   -12.492 -6.304  1.00 0.00 ? 10 DT  B "H2'"  1 
ATOM   691 H "H2''" . DT  B 2 10 ? 1.786   -12.479 -6.698  1.00 0.00 ? 10 DT  B "H2''" 1 
ATOM   692 H "H1'"  . DT  B 2 10 ? 2.160   -10.488 -5.358  1.00 0.00 ? 10 DT  B "H1'"  1 
ATOM   693 H H3     . DT  B 2 10 ? 2.353   -12.108 -1.139  1.00 0.00 ? 10 DT  B H3     1 
ATOM   694 H H71    . DT  B 2 10 ? -2.794  -11.316 -2.654  1.00 0.00 ? 10 DT  B H71    1 
ATOM   695 H H72    . DT  B 2 10 ? -2.509  -12.905 -1.924  1.00 0.00 ? 10 DT  B H72    1 
ATOM   696 H H73    . DT  B 2 10 ? -2.318  -11.437 -0.948  1.00 0.00 ? 10 DT  B H73    1 
ATOM   697 H H6     . DT  B 2 10 ? -1.023  -11.299 -4.423  1.00 0.00 ? 10 DT  B H6     1 
ATOM   698 P P      . DG  B 2 11 ? 2.980   -11.584 -9.053  1.00 0.00 ? 11 DG  B P      1 
ATOM   699 O OP1    . DG  B 2 11 ? 3.588   -10.877 -10.203 1.00 0.00 ? 11 DG  B OP1    1 
ATOM   700 O OP2    . DG  B 2 11 ? 2.283   -12.871 -9.267  1.00 0.00 ? 11 DG  B OP2    1 
ATOM   701 O "O5'"  . DG  B 2 11 ? 4.130   -11.803 -7.930  1.00 0.00 ? 11 DG  B "O5'"  1 
ATOM   702 C "C5'"  . DG  B 2 11 ? 4.835   -10.690 -7.406  1.00 0.00 ? 11 DG  B "C5'"  1 
ATOM   703 C "C4'"  . DG  B 2 11 ? 5.976   -11.081 -6.444  1.00 0.00 ? 11 DG  B "C4'"  1 
ATOM   704 O "O4'"  . DG  B 2 11 ? 5.495   -11.698 -5.233  1.00 0.00 ? 11 DG  B "O4'"  1 
ATOM   705 C "C3'"  . DG  B 2 11 ? 7.039   -12.011 -7.053  1.00 0.00 ? 11 DG  B "C3'"  1 
ATOM   706 O "O3'"  . DG  B 2 11 ? 8.304   -11.538 -6.619  1.00 0.00 ? 11 DG  B "O3'"  1 
ATOM   707 C "C2'"  . DG  B 2 11 ? 6.657   -13.307 -6.339  1.00 0.00 ? 11 DG  B "C2'"  1 
ATOM   708 C "C1'"  . DG  B 2 11 ? 6.266   -12.864 -4.930  1.00 0.00 ? 11 DG  B "C1'"  1 
ATOM   709 N N9     . DG  B 2 11 ? 5.577   -13.862 -4.086  1.00 0.00 ? 11 DG  B N9     1 
ATOM   710 C C8     . DG  B 2 11 ? 4.339   -14.380 -4.269  1.00 0.00 ? 11 DG  B C8     1 
ATOM   711 N N7     . DG  B 2 11 ? 3.956   -15.256 -3.390  1.00 0.00 ? 11 DG  B N7     1 
ATOM   712 C C5     . DG  B 2 11 ? 5.022   -15.284 -2.505  1.00 0.00 ? 11 DG  B C5     1 
ATOM   713 C C6     . DG  B 2 11 ? 5.149   -16.001 -1.286  1.00 0.00 ? 11 DG  B C6     1 
ATOM   714 O O6     . DG  B 2 11 ? 4.374   -16.831 -0.825  1.00 0.00 ? 11 DG  B O6     1 
ATOM   715 N N1     . DG  B 2 11 ? 6.285   -15.637 -0.572  1.00 0.00 ? 11 DG  B N1     1 
ATOM   716 C C2     . DG  B 2 11 ? 7.197   -14.687 -0.982  1.00 0.00 ? 11 DG  B C2     1 
ATOM   717 N N2     . DG  B 2 11 ? 8.177   -14.393 -0.120  1.00 0.00 ? 11 DG  B N2     1 
ATOM   718 N N3     . DG  B 2 11 ? 7.108   -14.048 -2.163  1.00 0.00 ? 11 DG  B N3     1 
ATOM   719 C C4     . DG  B 2 11 ? 5.994   -14.382 -2.876  1.00 0.00 ? 11 DG  B C4     1 
ATOM   720 H "H5'"  . DG  B 2 11 ? 4.137   -10.064 -6.850  1.00 0.00 ? 11 DG  B "H5'"  1 
ATOM   721 H "H5''" . DG  B 2 11 ? 5.220   -10.094 -8.245  1.00 0.00 ? 11 DG  B "H5''" 1 
ATOM   722 H "H4'"  . DG  B 2 11 ? 6.448   -10.129 -6.201  1.00 0.00 ? 11 DG  B "H4'"  1 
ATOM   723 H "H3'"  . DG  B 2 11 ? 7.022   -12.053 -8.151  1.00 0.00 ? 11 DG  B "H3'"  1 
ATOM   724 H "H2'"  . DG  B 2 11 ? 5.803   -13.735 -6.720  1.00 0.00 ? 11 DG  B "H2'"  1 
ATOM   725 H "H2''" . DG  B 2 11 ? 7.003   -14.244 -6.675  1.00 0.00 ? 11 DG  B "H2''" 1 
ATOM   726 H "H1'"  . DG  B 2 11 ? 7.108   -12.625 -4.320  1.00 0.00 ? 11 DG  B "H1'"  1 
ATOM   727 H H8     . DG  B 2 11 ? 3.757   -14.044 -5.082  1.00 0.00 ? 11 DG  B H8     1 
ATOM   728 H H1     . DG  B 2 11 ? 6.367   -16.019 0.361   1.00 0.00 ? 11 DG  B H1     1 
ATOM   729 H H21    . DG  B 2 11 ? 8.178   -14.811 0.804   1.00 0.00 ? 11 DG  B H21    1 
ATOM   730 H H22    . DG  B 2 11 ? 8.867   -13.699 -0.365  1.00 0.00 ? 11 DG  B H22    1 
ATOM   731 P P      . DC  B 2 12 ? 9.701   -12.201 -7.081  1.00 0.00 ? 12 DC  B P      1 
ATOM   732 O OP1    . DC  B 2 12 ? 10.591  -11.120 -7.561  1.00 0.00 ? 12 DC  B OP1    1 
ATOM   733 O OP2    . DC  B 2 12 ? 9.412   -13.359 -7.958  1.00 0.00 ? 12 DC  B OP2    1 
ATOM   734 O "O5'"  . DC  B 2 12 ? 10.308  -12.772 -5.703  1.00 0.00 ? 12 DC  B "O5'"  1 
ATOM   735 C "C5'"  . DC  B 2 12 ? 10.702  -11.920 -4.640  1.00 0.00 ? 12 DC  B "C5'"  1 
ATOM   736 C "C4'"  . DC  B 2 12 ? 11.165  -12.835 -3.478  1.00 0.00 ? 12 DC  B "C4'"  1 
ATOM   737 O "O4'"  . DC  B 2 12 ? 10.088  -13.681 -3.116  1.00 0.00 ? 12 DC  B "O4'"  1 
ATOM   738 C "C3'"  . DC  B 2 12 ? 12.365  -13.727 -3.834  1.00 0.00 ? 12 DC  B "C3'"  1 
ATOM   739 O "O3'"  . DC  B 2 12 ? 13.459  -13.474 -2.978  1.00 0.00 ? 12 DC  B "O3'"  1 
ATOM   740 C "C2'"  . DC  B 2 12 ? 11.830  -15.143 -3.617  1.00 0.00 ? 12 DC  B "C2'"  1 
ATOM   741 C "C1'"  . DC  B 2 12 ? 10.582  -14.953 -2.745  1.00 0.00 ? 12 DC  B "C1'"  1 
ATOM   742 N N1     . DC  B 2 12 ? 9.543   -15.978 -3.039  1.00 0.00 ? 12 DC  B N1     1 
ATOM   743 C C2     . DC  B 2 12 ? 9.174   -16.930 -2.082  1.00 0.00 ? 12 DC  B C2     1 
ATOM   744 O O2     . DC  B 2 12 ? 9.737   -16.998 -0.990  1.00 0.00 ? 12 DC  B O2     1 
ATOM   745 N N3     . DC  B 2 12 ? 8.153   -17.787 -2.383  1.00 0.00 ? 12 DC  B N3     1 
ATOM   746 C C4     . DC  B 2 12 ? 7.516   -17.722 -3.566  1.00 0.00 ? 12 DC  B C4     1 
ATOM   747 N N4     . DC  B 2 12 ? 6.532   -18.584 -3.828  1.00 0.00 ? 12 DC  B N4     1 
ATOM   748 C C5     . DC  B 2 12 ? 7.875   -16.749 -4.554  1.00 0.00 ? 12 DC  B C5     1 
ATOM   749 C C6     . DC  B 2 12 ? 8.888   -15.913 -4.238  1.00 0.00 ? 12 DC  B C6     1 
ATOM   750 H "H5'"  . DC  B 2 12 ? 9.831   -11.353 -4.306  1.00 0.00 ? 12 DC  B "H5'"  1 
ATOM   751 H "H5''" . DC  B 2 12 ? 11.459  -11.200 -5.005  1.00 0.00 ? 12 DC  B "H5''" 1 
ATOM   752 H "H4'"  . DC  B 2 12 ? 11.391  -12.307 -2.556  1.00 0.00 ? 12 DC  B "H4'"  1 
ATOM   753 H "H3'"  . DC  B 2 12 ? 12.704  -13.578 -4.862  1.00 0.00 ? 12 DC  B "H3'"  1 
ATOM   754 H "HO3'" . DC  B 2 12 ? 14.166  -14.082 -3.203  1.00 0.00 ? 12 DC  B "HO3'" 1 
ATOM   755 H "H2'"  . DC  B 2 12 ? 11.683  -15.600 -4.593  1.00 0.00 ? 12 DC  B "H2'"  1 
ATOM   756 H "H2''" . DC  B 2 12 ? 12.492  -15.803 -3.097  1.00 0.00 ? 12 DC  B "H2''" 1 
ATOM   757 H "H1'"  . DC  B 2 12 ? 10.858  -14.923 -1.682  1.00 0.00 ? 12 DC  B "H1'"  1 
ATOM   758 H H41    . DC  B 2 12 ? 6.257   -19.262 -3.132  1.00 0.00 ? 12 DC  B H41    1 
ATOM   759 H H42    . DC  B 2 12 ? 6.040   -18.538 -4.709  1.00 0.00 ? 12 DC  B H42    1 
ATOM   760 H H5     . DC  B 2 12 ? 7.376   -16.661 -5.510  1.00 0.00 ? 12 DC  B H5     1 
ATOM   761 H H6     . DC  B 2 12 ? 9.207   -15.151 -4.922  1.00 0.00 ? 12 DC  B H6     1 
# 
